data_8RSK
#
_entry.id   8RSK
#
_cell.length_a   104.146
_cell.length_b   110.443
_cell.length_c   104.610
_cell.angle_alpha   90.000
_cell.angle_beta   119.559
_cell.angle_gamma   90.000
#
_symmetry.space_group_name_H-M   'C 1 2 1'
#
loop_
_entity.id
_entity.type
_entity.pdbx_description
1 polymer 'O-acetyl-ADP-ribose deacetylase'
2 non-polymer 'ZINC ION'
3 non-polymer '(2~{S})-4-[[(2~{S},3~{R},4~{S},5~{R})-5-[[[[(2~{R},3~{S},4~{R},5~{R})-5-(6-aminopurin-9-yl)-3,4-bis(oxidanyl)oxolan-2-yl]methoxy-oxidanyl-phosphoryl]oxy-oxidanyl-phosphoryl]oxymethyl]-3,4-bis(oxidanyl)oxolan-2-yl]amino]-2-azanyl-4-oxidanylidene-butanoic acid'
4 non-polymer GLYCEROL
5 non-polymer 'ACETATE ION'
6 water water
#
_entity_poly.entity_id   1
_entity_poly.type   'polypeptide(L)'
_entity_poly.pdbx_seq_one_letter_code
;GPMNNDEQLEFLINYLLDERSESIDIPKTFSEKRNLLRSLMNMRHPSNISEEFLRIQDEFLSRETANKNLTSVEDISLSS
GKIMLWQGDITTLSADAIVNAANSKLLGCFIPMHNCIDNIIHSASGLQLREECNRMIMLQGGDEDVGKAKITNAYNLPSK
YVVHTVGPSIERGMRVSSDDVKKLERCYNSCLELASEYKLNSIAFCCISTGVFNFPQKKAAEIAIRTVKDFLNSNETSLN
HIIFDVFTDKDYDIYKKLLFGN
;
_entity_poly.pdbx_strand_id   A,B,C
#
loop_
_chem_comp.id
_chem_comp.type
_chem_comp.name
_chem_comp.formula
A1H20 non-polymer '(2~{S})-4-[[(2~{S},3~{R},4~{S},5~{R})-5-[[[[(2~{R},3~{S},4~{R},5~{R})-5-(6-aminopurin-9-yl)-3,4-bis(oxidanyl)oxolan-2-yl]methoxy-oxidanyl-phosphoryl]oxy-oxidanyl-phosphoryl]oxymethyl]-3,4-bis(oxidanyl)oxolan-2-yl]amino]-2-azanyl-4-oxidanylidene-butanoic acid' 'C19 H29 N7 O16 P2'
ACT non-polymer 'ACETATE ION' 'C2 H3 O2 -1'
GOL non-polymer GLYCEROL 'C3 H8 O3'
ZN non-polymer 'ZINC ION' 'Zn 2'
#
# COMPACT_ATOMS: atom_id res chain seq x y z
N GLY A 1 -1.07 32.64 -22.51
CA GLY A 1 0.07 33.24 -21.78
C GLY A 1 0.28 32.54 -20.43
N PRO A 2 1.17 33.08 -19.57
CA PRO A 2 1.53 32.43 -18.31
C PRO A 2 0.38 32.39 -17.29
N MET A 3 -0.47 31.36 -17.37
CA MET A 3 -1.47 31.06 -16.36
C MET A 3 -0.88 31.36 -14.98
N ASN A 4 -1.50 32.29 -14.22
CA ASN A 4 -1.03 32.64 -12.89
C ASN A 4 -1.57 31.62 -11.86
N ASN A 5 -1.34 31.88 -10.57
CA ASN A 5 -1.65 30.91 -9.52
C ASN A 5 -3.14 30.54 -9.56
N ASP A 6 -4.03 31.55 -9.56
CA ASP A 6 -5.46 31.29 -9.52
C ASP A 6 -5.96 30.58 -10.78
N GLU A 7 -5.38 30.94 -11.93
CA GLU A 7 -5.81 30.36 -13.19
C GLU A 7 -5.41 28.90 -13.29
N GLN A 8 -4.28 28.51 -12.68
CA GLN A 8 -3.86 27.11 -12.68
C GLN A 8 -4.77 26.26 -11.77
N LEU A 9 -5.07 26.78 -10.57
CA LEU A 9 -5.93 26.14 -9.61
C LEU A 9 -7.32 25.88 -10.21
N GLU A 10 -7.84 26.90 -10.89
CA GLU A 10 -9.20 26.88 -11.44
CA GLU A 10 -9.19 26.87 -11.45
C GLU A 10 -9.25 25.96 -12.66
N PHE A 11 -8.11 25.76 -13.36
CA PHE A 11 -8.05 24.78 -14.44
C PHE A 11 -8.18 23.34 -13.91
N LEU A 12 -7.41 23.03 -12.86
CA LEU A 12 -7.23 21.65 -12.44
C LEU A 12 -8.58 21.08 -11.94
N ILE A 13 -9.36 21.94 -11.26
CA ILE A 13 -10.62 21.56 -10.66
C ILE A 13 -11.62 21.17 -11.76
N ASN A 14 -11.71 22.06 -12.77
CA ASN A 14 -12.59 21.88 -13.91
C ASN A 14 -12.26 20.55 -14.61
N TYR A 15 -10.95 20.20 -14.69
CA TYR A 15 -10.52 18.98 -15.38
C TYR A 15 -11.12 17.77 -14.67
N LEU A 16 -10.97 17.70 -13.34
CA LEU A 16 -11.36 16.52 -12.58
C LEU A 16 -12.88 16.42 -12.43
N LEU A 17 -13.55 17.58 -12.43
CA LEU A 17 -15.00 17.61 -12.47
C LEU A 17 -15.50 17.02 -13.79
N ASP A 18 -14.99 17.55 -14.91
CA ASP A 18 -15.47 17.17 -16.22
C ASP A 18 -15.17 15.70 -16.52
N GLU A 19 -14.33 15.05 -15.71
CA GLU A 19 -14.02 13.64 -15.90
C GLU A 19 -14.95 12.79 -15.03
N ARG A 20 -15.79 13.44 -14.24
CA ARG A 20 -16.78 12.75 -13.44
C ARG A 20 -18.19 13.25 -13.77
N SER A 21 -18.34 13.89 -14.92
CA SER A 21 -19.60 14.46 -15.35
C SER A 21 -20.29 15.18 -14.18
N GLU A 22 -19.70 16.26 -13.64
CA GLU A 22 -20.59 17.26 -13.03
C GLU A 22 -19.93 18.62 -12.95
N SER A 23 -20.61 19.57 -12.31
CA SER A 23 -20.00 20.84 -11.92
C SER A 23 -20.82 21.51 -10.81
N ILE A 24 -20.13 21.81 -9.69
CA ILE A 24 -20.63 22.65 -8.61
C ILE A 24 -19.90 23.98 -8.69
N ASP A 25 -20.66 25.06 -8.45
CA ASP A 25 -20.15 26.42 -8.44
C ASP A 25 -18.88 26.48 -7.58
N ILE A 26 -17.91 27.24 -8.10
CA ILE A 26 -16.57 27.35 -7.54
CA ILE A 26 -16.57 27.34 -7.55
C ILE A 26 -16.60 28.24 -6.31
N PRO A 27 -16.31 27.74 -5.07
CA PRO A 27 -16.40 28.57 -3.85
C PRO A 27 -15.64 29.88 -3.91
N LYS A 28 -15.90 30.78 -2.95
CA LYS A 28 -15.42 32.16 -3.04
C LYS A 28 -13.91 32.25 -2.81
N THR A 29 -13.45 31.82 -1.62
CA THR A 29 -12.10 32.12 -1.13
C THR A 29 -11.06 31.32 -1.92
N PHE A 30 -9.79 31.52 -1.57
CA PHE A 30 -8.70 30.69 -2.10
C PHE A 30 -8.64 29.37 -1.32
N SER A 31 -8.81 29.51 -0.01
CA SER A 31 -8.75 28.43 0.95
C SER A 31 -9.82 27.37 0.66
N GLU A 32 -11.09 27.75 0.43
CA GLU A 32 -12.15 26.79 0.14
C GLU A 32 -11.96 26.15 -1.24
N LYS A 33 -11.43 26.91 -2.21
CA LYS A 33 -11.17 26.43 -3.56
C LYS A 33 -10.03 25.41 -3.49
N ARG A 34 -9.10 25.62 -2.55
CA ARG A 34 -7.93 24.77 -2.37
C ARG A 34 -8.35 23.41 -1.82
N ASN A 35 -9.33 23.38 -0.92
CA ASN A 35 -9.75 22.14 -0.30
C ASN A 35 -10.54 21.30 -1.29
N LEU A 36 -11.13 21.95 -2.28
CA LEU A 36 -11.90 21.23 -3.27
C LEU A 36 -10.96 20.42 -4.15
N LEU A 37 -9.82 21.00 -4.53
CA LEU A 37 -8.80 20.23 -5.22
C LEU A 37 -8.27 19.07 -4.38
N ARG A 38 -7.84 19.35 -3.14
CA ARG A 38 -7.43 18.27 -2.30
C ARG A 38 -8.48 17.14 -2.38
N SER A 39 -9.75 17.48 -2.05
CA SER A 39 -10.87 16.55 -2.01
C SER A 39 -10.95 15.72 -3.29
N LEU A 40 -10.92 16.39 -4.45
CA LEU A 40 -11.03 15.72 -5.73
C LEU A 40 -9.81 14.84 -6.02
N MET A 41 -8.64 15.22 -5.50
CA MET A 41 -7.44 14.40 -5.69
C MET A 41 -7.53 13.16 -4.80
N ASN A 42 -7.90 13.37 -3.51
CA ASN A 42 -7.99 12.23 -2.62
C ASN A 42 -8.96 11.16 -3.15
N MET A 43 -10.01 11.59 -3.86
CA MET A 43 -11.09 10.67 -4.17
C MET A 43 -10.85 9.93 -5.49
N ARG A 44 -9.79 10.26 -6.25
CA ARG A 44 -9.70 9.76 -7.62
C ARG A 44 -8.96 8.43 -7.70
N HIS A 45 -9.70 7.34 -7.95
CA HIS A 45 -9.12 6.02 -8.16
C HIS A 45 -8.14 6.08 -9.33
N PRO A 46 -7.11 5.19 -9.37
CA PRO A 46 -5.99 5.35 -10.31
C PRO A 46 -6.38 5.06 -11.76
N SER A 47 -5.95 5.93 -12.69
CA SER A 47 -5.98 5.64 -14.13
C SER A 47 -5.36 6.80 -14.94
N ASN A 48 -5.20 6.59 -16.26
CA ASN A 48 -4.55 7.52 -17.19
C ASN A 48 -4.97 8.97 -16.98
N ILE A 49 -4.02 9.91 -17.08
CA ILE A 49 -4.32 11.34 -17.11
C ILE A 49 -3.46 12.04 -18.16
N SER A 50 -3.93 13.20 -18.70
CA SER A 50 -3.23 13.88 -19.79
C SER A 50 -1.93 14.50 -19.29
N GLU A 51 -0.89 14.47 -20.13
CA GLU A 51 0.42 15.01 -19.79
C GLU A 51 0.27 16.50 -19.47
N GLU A 52 -0.71 17.19 -20.12
CA GLU A 52 -0.99 18.60 -19.87
C GLU A 52 -1.35 18.82 -18.39
N PHE A 53 -2.25 17.98 -17.86
CA PHE A 53 -2.67 18.03 -16.47
C PHE A 53 -1.50 17.89 -15.49
N LEU A 54 -0.62 16.89 -15.72
CA LEU A 54 0.52 16.63 -14.86
C LEU A 54 1.45 17.84 -14.85
N ARG A 55 1.77 18.35 -16.04
CA ARG A 55 2.68 19.48 -16.12
C ARG A 55 2.16 20.60 -15.23
N ILE A 56 0.86 20.91 -15.33
CA ILE A 56 0.33 22.07 -14.64
C ILE A 56 0.19 21.74 -13.16
N GLN A 57 -0.12 20.49 -12.85
CA GLN A 57 -0.24 20.07 -11.46
C GLN A 57 1.10 20.28 -10.76
N ASP A 58 2.18 19.89 -11.46
CA ASP A 58 3.55 20.01 -10.96
C ASP A 58 3.94 21.48 -10.78
N GLU A 59 3.63 22.36 -11.73
CA GLU A 59 3.93 23.76 -11.54
C GLU A 59 3.24 24.27 -10.27
N PHE A 60 1.95 23.93 -10.08
CA PHE A 60 1.16 24.49 -8.98
C PHE A 60 1.69 23.98 -7.64
N LEU A 61 1.90 22.68 -7.52
CA LEU A 61 2.26 22.11 -6.22
C LEU A 61 3.70 22.41 -5.80
N SER A 62 4.65 22.37 -6.78
CA SER A 62 6.04 22.75 -6.50
C SER A 62 6.11 24.16 -5.92
N ARG A 63 5.33 25.07 -6.52
CA ARG A 63 5.26 26.44 -6.06
C ARG A 63 4.78 26.49 -4.60
N GLU A 64 3.71 25.73 -4.27
CA GLU A 64 3.16 25.78 -2.93
C GLU A 64 4.23 25.31 -1.93
N THR A 65 4.82 24.14 -2.21
CA THR A 65 5.98 23.64 -1.47
C THR A 65 7.06 24.72 -1.26
N ALA A 66 7.54 25.36 -2.34
CA ALA A 66 8.62 26.36 -2.27
C ALA A 66 8.22 27.54 -1.36
N ASN A 67 6.92 27.81 -1.22
CA ASN A 67 6.49 28.95 -0.42
C ASN A 67 6.15 28.58 1.02
N LYS A 68 6.39 27.33 1.44
CA LYS A 68 6.20 26.99 2.85
C LYS A 68 7.47 27.34 3.62
N ASN A 69 7.44 27.13 4.94
CA ASN A 69 8.62 27.27 5.78
C ASN A 69 9.34 25.91 5.78
N LEU A 70 10.37 25.79 4.90
CA LEU A 70 11.14 24.55 4.73
C LEU A 70 12.19 24.42 5.83
N THR A 71 12.41 23.19 6.30
CA THR A 71 13.47 22.89 7.25
C THR A 71 14.52 21.91 6.62
N SER A 72 15.82 22.26 6.65
CA SER A 72 16.92 21.35 6.29
C SER A 72 17.29 20.48 7.47
N VAL A 73 17.77 19.29 7.13
CA VAL A 73 18.17 18.34 8.15
C VAL A 73 19.30 18.97 8.97
N GLU A 74 20.28 19.69 8.31
CA GLU A 74 21.41 20.16 9.09
C GLU A 74 20.99 21.22 10.14
N ASP A 75 19.79 21.82 10.03
CA ASP A 75 19.28 22.85 10.94
C ASP A 75 18.55 22.30 12.16
N ILE A 76 18.32 21.00 12.28
CA ILE A 76 17.75 20.46 13.52
C ILE A 76 18.85 20.35 14.57
N SER A 77 18.64 20.90 15.77
CA SER A 77 19.75 21.08 16.69
C SER A 77 19.69 20.10 17.85
N LEU A 78 18.61 19.38 17.97
CA LEU A 78 18.47 18.43 19.06
C LEU A 78 18.81 17.01 18.56
N SER A 79 19.90 16.43 19.09
CA SER A 79 20.44 15.17 18.56
C SER A 79 21.13 14.34 19.64
N SER A 80 21.05 13.03 19.49
CA SER A 80 21.80 12.08 20.30
C SER A 80 22.40 11.04 19.37
N GLY A 81 23.72 11.11 19.18
CA GLY A 81 24.37 10.33 18.14
C GLY A 81 23.80 10.68 16.76
N LYS A 82 23.53 9.65 15.95
CA LYS A 82 22.87 9.92 14.68
C LYS A 82 21.36 10.13 14.80
N ILE A 83 20.78 10.02 15.99
CA ILE A 83 19.34 10.29 16.08
C ILE A 83 19.07 11.77 16.34
N MET A 84 18.09 12.32 15.62
CA MET A 84 17.58 13.66 15.84
C MET A 84 16.10 13.58 16.20
N LEU A 85 15.61 14.62 16.90
CA LEU A 85 14.22 14.77 17.27
C LEU A 85 13.69 16.13 16.83
N TRP A 86 12.51 16.11 16.19
CA TRP A 86 11.97 17.30 15.55
C TRP A 86 10.43 17.25 15.48
N GLN A 87 9.84 18.36 15.95
CA GLN A 87 8.41 18.55 15.86
C GLN A 87 8.07 19.43 14.66
N GLY A 88 7.25 18.90 13.74
CA GLY A 88 6.91 19.67 12.56
C GLY A 88 6.27 18.77 11.51
N ASP A 89 5.90 19.41 10.41
CA ASP A 89 5.13 18.82 9.33
C ASP A 89 6.10 18.18 8.34
N ILE A 90 5.96 16.85 8.15
CA ILE A 90 6.94 16.05 7.40
C ILE A 90 6.97 16.52 5.95
N THR A 91 5.96 17.27 5.50
CA THR A 91 5.94 17.75 4.12
C THR A 91 6.78 19.01 3.93
N THR A 92 7.37 19.55 5.02
CA THR A 92 8.21 20.75 4.97
C THR A 92 9.72 20.43 5.09
N LEU A 93 10.05 19.15 5.13
CA LEU A 93 11.38 18.69 5.56
C LEU A 93 12.14 18.09 4.37
N SER A 94 13.37 18.60 4.17
CA SER A 94 14.20 18.33 3.01
C SER A 94 15.07 17.11 3.23
N ALA A 95 14.55 16.03 3.82
CA ALA A 95 15.33 14.81 4.00
C ALA A 95 15.46 14.04 2.68
N ASP A 96 16.42 13.09 2.59
CA ASP A 96 16.54 12.30 1.38
C ASP A 96 15.24 11.46 1.23
N ALA A 97 14.82 10.85 2.34
CA ALA A 97 13.58 10.11 2.36
C ALA A 97 12.71 10.47 3.56
N ILE A 98 11.39 10.49 3.31
CA ILE A 98 10.38 10.50 4.39
C ILE A 98 9.55 9.20 4.40
N VAL A 99 9.16 8.73 5.59
CA VAL A 99 8.36 7.52 5.72
C VAL A 99 6.85 7.84 5.87
N ASN A 100 6.05 7.16 5.05
CA ASN A 100 4.63 7.28 4.92
C ASN A 100 4.07 6.09 5.66
N ALA A 101 3.04 6.32 6.54
CA ALA A 101 2.36 5.24 7.22
C ALA A 101 1.17 4.80 6.38
N ALA A 102 1.32 3.74 5.61
CA ALA A 102 0.39 3.52 4.50
C ALA A 102 -0.48 2.34 4.85
N ASN A 103 -1.35 1.99 3.88
CA ASN A 103 -2.24 0.81 3.96
C ASN A 103 -1.86 -0.29 2.93
N SER A 104 -2.49 -1.48 3.01
CA SER A 104 -1.95 -2.66 2.29
C SER A 104 -2.19 -2.57 0.80
N LYS A 105 -2.95 -1.57 0.36
CA LYS A 105 -3.13 -1.42 -1.08
C LYS A 105 -2.20 -0.35 -1.59
N LEU A 106 -1.69 0.49 -0.65
CA LEU A 106 -0.60 1.46 -0.85
C LEU A 106 -1.08 2.61 -1.75
N LEU A 107 -2.39 2.77 -1.84
CA LEU A 107 -3.02 3.81 -2.66
C LEU A 107 -3.26 5.10 -1.89
N GLY A 108 -2.78 5.25 -0.64
CA GLY A 108 -3.18 6.44 0.11
C GLY A 108 -4.65 6.42 0.62
N CYS A 109 -5.27 7.59 0.85
CA CYS A 109 -6.48 7.75 1.65
C CYS A 109 -7.60 8.39 0.81
N PHE A 110 -8.78 7.78 0.79
CA PHE A 110 -9.81 8.16 -0.15
C PHE A 110 -10.88 9.08 0.47
N ILE A 111 -10.74 9.40 1.74
CA ILE A 111 -11.67 10.31 2.40
C ILE A 111 -11.25 11.74 2.11
N PRO A 112 -12.12 12.67 1.61
CA PRO A 112 -11.67 14.04 1.36
C PRO A 112 -11.26 14.74 2.65
N MET A 113 -10.01 15.24 2.64
CA MET A 113 -9.53 16.18 3.65
C MET A 113 -9.28 15.39 4.94
N HIS A 114 -9.11 14.07 4.92
CA HIS A 114 -8.68 13.44 6.18
C HIS A 114 -7.22 13.83 6.51
N ASN A 115 -6.91 13.93 7.84
CA ASN A 115 -5.67 14.43 8.38
CA ASN A 115 -5.63 14.45 8.33
C ASN A 115 -4.74 13.29 8.83
N CYS A 116 -4.87 12.10 8.19
CA CYS A 116 -3.88 11.03 8.37
C CYS A 116 -2.66 11.38 7.56
N ILE A 117 -1.47 10.85 7.93
CA ILE A 117 -0.25 11.25 7.20
C ILE A 117 -0.29 10.79 5.75
N ASP A 118 -1.00 9.69 5.47
CA ASP A 118 -1.10 9.20 4.11
C ASP A 118 -1.78 10.20 3.20
N ASN A 119 -2.90 10.79 3.63
CA ASN A 119 -3.60 11.79 2.85
C ASN A 119 -2.72 13.03 2.70
N ILE A 120 -2.15 13.46 3.83
CA ILE A 120 -1.32 14.64 3.83
C ILE A 120 -0.15 14.48 2.85
N ILE A 121 0.50 13.29 2.79
CA ILE A 121 1.67 13.12 1.93
C ILE A 121 1.21 13.07 0.46
N HIS A 122 0.15 12.31 0.19
CA HIS A 122 -0.30 12.20 -1.19
C HIS A 122 -0.80 13.56 -1.70
N SER A 123 -1.44 14.38 -0.86
CA SER A 123 -1.97 15.67 -1.29
C SER A 123 -0.87 16.67 -1.66
N ALA A 124 0.27 16.66 -0.96
CA ALA A 124 1.41 17.52 -1.36
C ALA A 124 2.24 16.90 -2.52
N SER A 125 2.25 15.58 -2.67
CA SER A 125 3.20 14.96 -3.57
C SER A 125 2.67 14.99 -5.00
N GLY A 126 1.36 14.65 -5.17
CA GLY A 126 0.70 14.61 -6.47
C GLY A 126 0.09 13.22 -6.79
N LEU A 127 -0.67 13.14 -7.88
CA LEU A 127 -1.30 11.89 -8.26
C LEU A 127 -0.29 10.84 -8.72
N GLN A 128 0.92 11.28 -9.15
CA GLN A 128 1.95 10.34 -9.59
C GLN A 128 2.25 9.34 -8.46
N LEU A 129 2.15 9.79 -7.20
CA LEU A 129 2.48 8.91 -6.09
C LEU A 129 1.56 7.68 -6.07
N ARG A 130 0.24 7.91 -6.25
CA ARG A 130 -0.74 6.84 -6.23
C ARG A 130 -0.53 5.93 -7.45
N GLU A 131 -0.26 6.54 -8.62
CA GLU A 131 -0.01 5.80 -9.84
C GLU A 131 1.22 4.90 -9.71
N GLU A 132 2.34 5.42 -9.15
CA GLU A 132 3.57 4.63 -9.04
C GLU A 132 3.32 3.47 -8.09
N CYS A 133 2.70 3.69 -6.94
CA CYS A 133 2.40 2.62 -5.98
C CYS A 133 1.44 1.59 -6.59
N ASN A 134 0.54 2.05 -7.46
CA ASN A 134 -0.39 1.16 -8.06
C ASN A 134 0.33 0.21 -9.03
N ARG A 135 1.29 0.71 -9.85
CA ARG A 135 2.07 -0.14 -10.74
C ARG A 135 2.85 -1.19 -9.93
N MET A 136 3.30 -0.85 -8.73
CA MET A 136 4.07 -1.77 -7.91
C MET A 136 3.17 -2.85 -7.32
N ILE A 137 1.95 -2.51 -6.90
CA ILE A 137 1.02 -3.52 -6.39
C ILE A 137 0.58 -4.49 -7.51
N MET A 138 0.30 -3.98 -8.73
CA MET A 138 -0.18 -4.78 -9.85
C MET A 138 0.93 -5.78 -10.23
N LEU A 139 2.18 -5.32 -10.36
CA LEU A 139 3.28 -6.23 -10.69
C LEU A 139 3.49 -7.26 -9.57
N GLN A 140 3.33 -6.89 -8.31
CA GLN A 140 3.54 -7.82 -7.21
C GLN A 140 2.41 -8.84 -7.15
N GLY A 141 1.20 -8.48 -7.64
CA GLY A 141 0.08 -9.39 -7.78
C GLY A 141 -0.67 -9.65 -6.47
N GLY A 142 -0.68 -8.70 -5.55
CA GLY A 142 -1.04 -9.02 -4.19
C GLY A 142 -0.73 -7.83 -3.30
N ASP A 143 -1.63 -7.62 -2.33
CA ASP A 143 -1.50 -6.61 -1.30
C ASP A 143 -0.19 -6.74 -0.53
N GLU A 144 0.28 -5.61 0.01
CA GLU A 144 1.48 -5.51 0.79
C GLU A 144 1.25 -5.89 2.24
N ASP A 145 2.02 -6.82 2.78
CA ASP A 145 1.95 -7.27 4.16
C ASP A 145 2.48 -6.16 5.08
N VAL A 146 2.11 -6.26 6.37
CA VAL A 146 2.64 -5.45 7.46
C VAL A 146 4.15 -5.61 7.51
N GLY A 147 4.89 -4.51 7.68
CA GLY A 147 6.25 -4.64 8.18
C GLY A 147 7.29 -4.76 7.07
N LYS A 148 6.90 -4.45 5.83
CA LYS A 148 7.79 -4.35 4.71
C LYS A 148 7.97 -2.88 4.36
N ALA A 149 8.82 -2.60 3.37
CA ALA A 149 9.09 -1.27 2.88
C ALA A 149 9.27 -1.22 1.36
N LYS A 150 8.74 -0.17 0.74
CA LYS A 150 8.84 0.08 -0.69
C LYS A 150 9.17 1.56 -0.93
N ILE A 151 9.89 1.89 -2.04
CA ILE A 151 10.41 3.24 -2.25
C ILE A 151 9.89 3.81 -3.57
N THR A 152 9.65 5.15 -3.63
CA THR A 152 9.12 5.84 -4.81
C THR A 152 9.72 7.24 -4.87
N ASN A 153 9.55 7.93 -6.00
CA ASN A 153 9.91 9.33 -6.10
CA ASN A 153 9.92 9.34 -6.10
C ASN A 153 8.97 10.12 -5.19
N ALA A 154 9.34 11.36 -4.84
CA ALA A 154 8.56 12.16 -3.89
C ALA A 154 7.85 13.31 -4.60
N TYR A 155 8.09 13.44 -5.91
CA TYR A 155 7.42 14.39 -6.78
C TYR A 155 7.51 15.81 -6.22
N ASN A 156 6.34 16.42 -5.91
CA ASN A 156 6.34 17.86 -5.64
C ASN A 156 6.72 18.14 -4.20
N LEU A 157 7.02 17.08 -3.43
CA LEU A 157 7.53 17.29 -2.09
C LEU A 157 8.96 17.83 -2.14
N PRO A 158 9.47 18.40 -1.00
CA PRO A 158 10.84 18.91 -0.96
C PRO A 158 11.87 17.80 -0.66
N SER A 159 11.44 16.59 -0.33
CA SER A 159 12.31 15.45 -0.21
C SER A 159 12.48 14.76 -1.57
N LYS A 160 13.39 13.75 -1.61
CA LYS A 160 13.71 13.10 -2.85
C LYS A 160 12.86 11.85 -3.07
N TYR A 161 12.80 10.99 -2.05
CA TYR A 161 12.11 9.71 -2.04
C TYR A 161 11.02 9.64 -0.94
N VAL A 162 9.99 8.81 -1.14
CA VAL A 162 9.11 8.40 -0.07
C VAL A 162 9.25 6.90 0.10
N VAL A 163 9.39 6.47 1.36
CA VAL A 163 9.34 5.09 1.79
C VAL A 163 8.01 4.75 2.45
N HIS A 164 7.31 3.78 1.87
CA HIS A 164 6.00 3.32 2.32
C HIS A 164 6.12 2.03 3.14
N THR A 165 5.58 2.04 4.37
CA THR A 165 5.45 0.87 5.21
C THR A 165 4.04 0.82 5.79
N VAL A 166 3.55 -0.39 6.05
CA VAL A 166 2.26 -0.58 6.67
C VAL A 166 2.47 -1.14 8.08
N GLY A 167 2.09 -0.37 9.11
CA GLY A 167 2.28 -0.86 10.47
C GLY A 167 1.15 -1.80 10.88
N PRO A 168 1.29 -2.45 12.04
CA PRO A 168 0.25 -3.32 12.54
C PRO A 168 -0.88 -2.49 13.09
N SER A 169 -2.07 -3.06 13.19
CA SER A 169 -3.22 -2.33 13.64
C SER A 169 -3.87 -2.99 14.85
N ILE A 170 -4.17 -2.20 15.90
CA ILE A 170 -4.61 -2.78 17.15
C ILE A 170 -6.12 -2.61 17.30
N GLU A 171 -6.82 -3.74 17.31
CA GLU A 171 -8.27 -3.77 17.40
C GLU A 171 -8.72 -3.15 18.75
N ARG A 172 -9.79 -2.39 18.65
CA ARG A 172 -10.40 -1.66 19.73
C ARG A 172 -10.73 -2.59 20.87
N GLY A 173 -10.12 -2.40 22.03
CA GLY A 173 -10.44 -3.19 23.20
C GLY A 173 -9.34 -4.18 23.56
N MET A 174 -8.43 -4.48 22.63
CA MET A 174 -7.52 -5.61 22.77
C MET A 174 -6.21 -5.01 23.26
N ARG A 175 -5.39 -5.85 23.89
CA ARG A 175 -4.03 -5.51 24.31
C ARG A 175 -3.03 -5.95 23.23
N VAL A 176 -1.81 -5.43 23.35
CA VAL A 176 -0.79 -5.52 22.33
C VAL A 176 -0.10 -6.86 22.47
N SER A 177 -0.10 -7.69 21.41
CA SER A 177 0.47 -9.02 21.47
C SER A 177 1.96 -8.94 21.17
N SER A 178 2.73 -9.97 21.57
CA SER A 178 4.17 -10.01 21.28
C SER A 178 4.33 -10.01 19.77
N ASP A 179 3.31 -10.53 19.06
CA ASP A 179 3.37 -10.58 17.61
C ASP A 179 3.23 -9.17 17.00
N ASP A 180 2.47 -8.28 17.66
CA ASP A 180 2.32 -6.92 17.16
C ASP A 180 3.61 -6.11 17.39
N VAL A 181 4.27 -6.31 18.51
CA VAL A 181 5.59 -5.74 18.78
C VAL A 181 6.57 -6.09 17.66
N LYS A 182 6.59 -7.36 17.26
CA LYS A 182 7.56 -7.85 16.29
C LYS A 182 7.31 -7.22 14.93
N LYS A 183 6.08 -6.96 14.63
CA LYS A 183 5.74 -6.42 13.34
C LYS A 183 6.09 -4.97 13.26
N LEU A 184 6.00 -4.25 14.38
CA LEU A 184 6.29 -2.82 14.32
C LEU A 184 7.82 -2.67 14.32
N GLU A 185 8.55 -3.53 15.03
CA GLU A 185 9.98 -3.62 14.83
C GLU A 185 10.34 -3.74 13.34
N ARG A 186 9.69 -4.64 12.62
CA ARG A 186 10.02 -4.96 11.25
C ARG A 186 9.77 -3.77 10.34
N CYS A 187 8.77 -2.95 10.66
CA CYS A 187 8.57 -1.72 9.89
C CYS A 187 9.83 -0.86 9.99
N TYR A 188 10.40 -0.69 11.19
CA TYR A 188 11.52 0.23 11.36
C TYR A 188 12.76 -0.38 10.66
N ASN A 189 12.98 -1.71 10.79
CA ASN A 189 14.14 -2.38 10.23
C ASN A 189 14.05 -2.34 8.70
N SER A 190 12.87 -2.51 8.15
CA SER A 190 12.78 -2.60 6.70
C SER A 190 13.11 -1.26 6.11
N CYS A 191 12.65 -0.18 6.76
CA CYS A 191 12.82 1.15 6.21
C CYS A 191 14.31 1.52 6.28
N LEU A 192 15.01 1.21 7.37
CA LEU A 192 16.43 1.48 7.50
C LEU A 192 17.26 0.72 6.46
N GLU A 193 16.89 -0.58 6.27
CA GLU A 193 17.58 -1.49 5.36
C GLU A 193 17.46 -0.93 3.94
N LEU A 194 16.23 -0.51 3.54
CA LEU A 194 16.04 0.06 2.21
C LEU A 194 16.80 1.37 1.93
N ALA A 195 16.74 2.30 2.91
CA ALA A 195 17.44 3.55 2.73
C ALA A 195 18.95 3.30 2.68
N SER A 196 19.46 2.39 3.54
CA SER A 196 20.85 1.89 3.47
C SER A 196 21.29 1.38 2.09
N GLU A 197 20.44 0.66 1.40
CA GLU A 197 20.75 0.06 0.10
C GLU A 197 20.73 1.14 -0.97
N TYR A 198 19.90 2.17 -0.80
CA TYR A 198 19.93 3.31 -1.70
C TYR A 198 21.06 4.26 -1.31
N LYS A 199 21.88 3.98 -0.30
CA LYS A 199 22.98 4.86 0.14
C LYS A 199 22.48 6.29 0.56
N LEU A 200 21.40 6.42 1.31
CA LEU A 200 20.93 7.79 1.63
C LEU A 200 21.62 8.28 2.91
N ASN A 201 21.68 9.61 3.09
CA ASN A 201 22.37 10.15 4.27
C ASN A 201 21.37 10.51 5.36
N SER A 202 20.10 10.75 4.99
CA SER A 202 19.09 11.00 6.02
C SER A 202 17.72 10.43 5.72
N ILE A 203 17.07 9.96 6.79
CA ILE A 203 15.66 9.53 6.68
C ILE A 203 14.83 10.06 7.85
N ALA A 204 13.60 10.56 7.57
CA ALA A 204 12.58 10.94 8.59
C ALA A 204 11.39 9.97 8.73
N PHE A 205 11.23 9.43 9.95
CA PHE A 205 10.10 8.57 10.36
C PHE A 205 8.98 9.39 11.02
N CYS A 206 7.72 8.95 10.79
CA CYS A 206 6.54 9.44 11.50
C CYS A 206 6.26 8.42 12.58
N CYS A 207 5.28 8.67 13.48
CA CYS A 207 5.06 7.75 14.59
C CYS A 207 4.06 6.69 14.14
N ILE A 208 4.53 5.75 13.30
CA ILE A 208 3.80 4.67 12.68
C ILE A 208 2.92 3.95 13.67
N SER A 209 1.67 3.69 13.21
CA SER A 209 0.64 2.86 13.80
C SER A 209 -0.09 3.60 14.94
N THR A 210 0.35 4.84 15.31
CA THR A 210 -0.08 5.44 16.57
C THR A 210 -1.30 6.35 16.38
N GLY A 211 -1.89 6.42 15.19
CA GLY A 211 -3.07 7.22 14.91
C GLY A 211 -4.33 6.38 14.69
N VAL A 212 -4.75 6.27 13.44
CA VAL A 212 -5.82 5.37 13.05
C VAL A 212 -5.57 3.92 13.54
N PHE A 213 -4.34 3.40 13.50
CA PHE A 213 -4.13 1.99 13.82
C PHE A 213 -4.00 1.79 15.33
N ASN A 214 -4.03 2.87 16.10
CA ASN A 214 -4.42 2.78 17.50
C ASN A 214 -3.40 1.99 18.34
N PHE A 215 -2.10 1.98 18.02
CA PHE A 215 -1.06 1.42 18.89
C PHE A 215 -0.82 2.42 20.05
N PRO A 216 -0.68 1.99 21.33
CA PRO A 216 -0.27 2.92 22.40
C PRO A 216 0.97 3.75 22.10
N GLN A 217 0.95 5.07 22.34
CA GLN A 217 2.03 5.96 21.98
C GLN A 217 3.33 5.72 22.76
N LYS A 218 3.23 5.44 24.05
CA LYS A 218 4.45 5.27 24.84
C LYS A 218 5.17 4.02 24.38
N LYS A 219 4.44 2.92 24.24
CA LYS A 219 5.00 1.61 23.94
C LYS A 219 5.63 1.58 22.53
N ALA A 220 5.00 2.28 21.57
CA ALA A 220 5.46 2.44 20.20
C ALA A 220 6.84 3.09 20.16
N ALA A 221 6.96 4.21 20.89
CA ALA A 221 8.21 4.92 21.05
C ALA A 221 9.30 4.04 21.67
N GLU A 222 8.99 3.26 22.72
CA GLU A 222 10.05 2.46 23.30
C GLU A 222 10.55 1.54 22.20
N ILE A 223 9.66 1.07 21.32
CA ILE A 223 10.06 0.07 20.32
C ILE A 223 10.86 0.70 19.20
N ALA A 224 10.41 1.88 18.78
CA ALA A 224 11.01 2.59 17.68
C ALA A 224 12.44 2.96 18.03
N ILE A 225 12.67 3.41 19.27
CA ILE A 225 13.99 3.86 19.70
C ILE A 225 14.90 2.66 19.86
N ARG A 226 14.42 1.58 20.49
CA ARG A 226 15.29 0.43 20.69
C ARG A 226 15.67 -0.16 19.33
N THR A 227 14.73 -0.17 18.38
CA THR A 227 14.98 -0.84 17.10
C THR A 227 16.01 -0.04 16.30
N VAL A 228 15.84 1.29 16.27
CA VAL A 228 16.77 2.14 15.55
C VAL A 228 18.19 2.03 16.17
N LYS A 229 18.31 2.02 17.49
CA LYS A 229 19.63 1.88 18.10
C LYS A 229 20.24 0.51 17.81
N ASP A 230 19.51 -0.61 17.95
CA ASP A 230 20.06 -1.93 17.65
C ASP A 230 20.50 -1.99 16.18
N PHE A 231 19.84 -1.28 15.27
CA PHE A 231 20.23 -1.33 13.87
C PHE A 231 21.54 -0.57 13.65
N LEU A 232 21.68 0.62 14.24
CA LEU A 232 22.88 1.41 14.11
C LEU A 232 24.06 0.76 14.82
N ASN A 233 23.85 0.05 15.93
CA ASN A 233 24.87 -0.76 16.56
C ASN A 233 25.37 -1.95 15.75
N SER A 234 24.57 -2.45 14.81
CA SER A 234 24.77 -3.80 14.26
C SER A 234 25.05 -3.79 12.76
N ASN A 235 25.02 -2.64 12.09
CA ASN A 235 25.23 -2.61 10.67
C ASN A 235 26.08 -1.42 10.28
N GLU A 236 26.81 -1.54 9.16
CA GLU A 236 27.36 -0.37 8.49
C GLU A 236 26.22 0.25 7.71
N THR A 237 26.13 1.59 7.66
CA THR A 237 25.15 2.26 6.81
C THR A 237 25.66 3.62 6.39
N SER A 238 25.20 4.08 5.23
CA SER A 238 25.43 5.44 4.79
C SER A 238 24.60 6.48 5.60
N LEU A 239 23.71 6.06 6.53
CA LEU A 239 22.81 7.02 7.15
C LEU A 239 23.57 7.85 8.20
N ASN A 240 23.58 9.17 8.12
CA ASN A 240 24.16 9.94 9.22
C ASN A 240 23.10 10.58 10.15
N HIS A 241 21.88 10.72 9.62
CA HIS A 241 20.84 11.37 10.39
C HIS A 241 19.50 10.63 10.27
N ILE A 242 19.04 10.06 11.39
CA ILE A 242 17.72 9.44 11.46
C ILE A 242 16.79 10.27 12.35
N ILE A 243 15.81 10.88 11.71
CA ILE A 243 14.96 11.90 12.33
C ILE A 243 13.62 11.33 12.77
N PHE A 244 13.33 11.35 14.07
CA PHE A 244 11.97 11.12 14.56
C PHE A 244 11.18 12.42 14.42
N ASP A 245 10.45 12.58 13.31
CA ASP A 245 9.48 13.65 13.13
C ASP A 245 8.16 13.33 13.86
N VAL A 246 7.92 14.06 14.95
CA VAL A 246 6.74 13.93 15.79
C VAL A 246 5.83 15.12 15.49
N PHE A 247 4.55 14.92 15.66
CA PHE A 247 3.58 15.91 15.24
C PHE A 247 2.80 16.49 16.43
N THR A 248 2.53 15.69 17.45
CA THR A 248 1.78 16.14 18.61
C THR A 248 2.77 16.46 19.73
N ASP A 249 2.36 17.44 20.54
CA ASP A 249 3.01 17.80 21.77
C ASP A 249 3.31 16.55 22.62
N LYS A 250 2.34 15.65 22.70
CA LYS A 250 2.46 14.56 23.64
C LYS A 250 3.56 13.59 23.21
N ASP A 251 3.70 13.38 21.90
CA ASP A 251 4.74 12.53 21.34
C ASP A 251 6.11 13.20 21.47
N TYR A 252 6.20 14.53 21.22
CA TYR A 252 7.39 15.29 21.52
C TYR A 252 7.87 14.97 22.94
N ASP A 253 6.96 15.13 23.92
CA ASP A 253 7.31 14.97 25.33
C ASP A 253 7.70 13.53 25.64
N ILE A 254 7.06 12.54 25.00
CA ILE A 254 7.39 11.13 25.24
C ILE A 254 8.79 10.83 24.74
N TYR A 255 9.06 11.24 23.49
CA TYR A 255 10.34 11.02 22.85
C TYR A 255 11.47 11.74 23.59
N LYS A 256 11.23 12.99 23.98
CA LYS A 256 12.23 13.80 24.66
C LYS A 256 12.69 13.12 25.94
N LYS A 257 11.79 12.55 26.75
CA LYS A 257 12.14 11.96 28.03
C LYS A 257 12.97 10.71 27.84
N LEU A 258 12.61 9.89 26.85
CA LEU A 258 13.26 8.61 26.63
C LEU A 258 14.63 8.75 25.97
N LEU A 259 14.86 9.79 25.14
CA LEU A 259 16.13 9.99 24.45
C LEU A 259 17.10 10.81 25.31
N PHE A 260 16.63 11.91 25.92
CA PHE A 260 17.49 12.87 26.61
C PHE A 260 17.27 12.88 28.12
N GLY A 261 16.90 11.70 28.68
CA GLY A 261 16.81 11.48 30.12
C GLY A 261 16.29 12.66 30.94
N ASN A 262 15.03 13.08 30.67
CA ASN A 262 14.41 14.30 31.18
C ASN A 262 14.59 15.42 30.12
N GLY B 1 -43.69 21.67 -20.80
CA GLY B 1 -44.06 22.30 -19.51
C GLY B 1 -43.78 21.38 -18.34
N PRO B 2 -43.70 21.92 -17.08
CA PRO B 2 -43.28 21.23 -15.87
C PRO B 2 -43.95 19.89 -15.58
N MET B 3 -43.35 18.81 -16.11
CA MET B 3 -43.54 17.42 -15.68
C MET B 3 -44.26 17.37 -14.32
N ASN B 4 -45.57 17.08 -14.28
CA ASN B 4 -46.30 17.18 -13.02
C ASN B 4 -46.14 15.87 -12.25
N ASN B 5 -46.73 15.81 -11.05
CA ASN B 5 -46.40 14.74 -10.11
CA ASN B 5 -46.40 14.74 -10.11
C ASN B 5 -46.80 13.40 -10.72
N ASP B 6 -48.04 13.29 -11.20
CA ASP B 6 -48.55 12.04 -11.75
C ASP B 6 -47.81 11.64 -13.03
N GLU B 7 -47.43 12.62 -13.86
CA GLU B 7 -46.70 12.38 -15.10
C GLU B 7 -45.33 11.79 -14.81
N GLN B 8 -44.66 12.24 -13.74
CA GLN B 8 -43.32 11.74 -13.40
C GLN B 8 -43.42 10.31 -12.86
N LEU B 9 -44.41 10.05 -11.99
CA LEU B 9 -44.65 8.74 -11.40
C LEU B 9 -44.88 7.71 -12.50
N GLU B 10 -45.73 8.08 -13.46
CA GLU B 10 -46.16 7.19 -14.53
CA GLU B 10 -46.15 7.19 -14.52
C GLU B 10 -45.03 7.00 -15.53
N PHE B 11 -44.09 7.96 -15.61
CA PHE B 11 -42.92 7.80 -16.47
C PHE B 11 -41.95 6.74 -15.91
N LEU B 12 -41.70 6.80 -14.60
CA LEU B 12 -40.62 6.00 -14.01
C LEU B 12 -40.99 4.51 -14.10
N ILE B 13 -42.29 4.23 -13.93
CA ILE B 13 -42.87 2.89 -13.96
C ILE B 13 -42.65 2.30 -15.36
N ASN B 14 -43.07 3.07 -16.37
CA ASN B 14 -42.92 2.73 -17.78
C ASN B 14 -41.47 2.38 -18.09
N TYR B 15 -40.52 3.13 -17.53
CA TYR B 15 -39.12 2.93 -17.85
C TYR B 15 -38.69 1.53 -17.41
N LEU B 16 -38.99 1.17 -16.16
CA LEU B 16 -38.54 -0.10 -15.58
C LEU B 16 -39.32 -1.28 -16.16
N LEU B 17 -40.56 -1.05 -16.53
CA LEU B 17 -41.33 -2.06 -17.23
C LEU B 17 -40.72 -2.32 -18.61
N ASP B 18 -40.48 -1.27 -19.40
CA ASP B 18 -40.02 -1.41 -20.77
C ASP B 18 -38.61 -2.00 -20.80
N GLU B 19 -37.91 -2.02 -19.66
CA GLU B 19 -36.57 -2.62 -19.60
C GLU B 19 -36.67 -4.06 -19.13
N ARG B 20 -37.89 -4.50 -18.82
CA ARG B 20 -38.16 -5.78 -18.20
C ARG B 20 -39.18 -6.52 -19.04
N SER B 21 -39.38 -6.07 -20.30
CA SER B 21 -40.35 -6.68 -21.21
C SER B 21 -41.66 -6.99 -20.47
N GLU B 22 -42.39 -5.96 -20.03
CA GLU B 22 -43.55 -6.16 -19.17
C GLU B 22 -44.55 -5.04 -19.45
N SER B 23 -45.86 -5.32 -19.26
CA SER B 23 -46.86 -4.29 -19.05
C SER B 23 -48.10 -4.84 -18.34
N ILE B 24 -48.37 -4.25 -17.17
CA ILE B 24 -49.57 -4.42 -16.38
C ILE B 24 -50.36 -3.10 -16.51
N ASP B 25 -51.68 -3.16 -16.74
CA ASP B 25 -52.49 -1.96 -16.68
C ASP B 25 -52.32 -1.31 -15.32
N ILE B 26 -52.19 0.02 -15.30
CA ILE B 26 -51.64 0.77 -14.18
C ILE B 26 -52.70 0.90 -13.08
N PRO B 27 -52.51 0.32 -11.86
CA PRO B 27 -53.53 0.34 -10.81
C PRO B 27 -54.07 1.72 -10.51
N LYS B 28 -55.23 1.79 -9.84
CA LYS B 28 -56.15 2.90 -10.00
C LYS B 28 -55.67 4.11 -9.21
N THR B 29 -55.53 3.93 -7.89
CA THR B 29 -55.32 5.00 -6.92
C THR B 29 -53.93 5.61 -7.08
N PHE B 30 -53.58 6.55 -6.17
CA PHE B 30 -52.22 7.07 -6.11
C PHE B 30 -51.36 6.10 -5.28
N SER B 31 -51.98 5.63 -4.20
CA SER B 31 -51.36 4.78 -3.21
C SER B 31 -50.88 3.45 -3.83
N GLU B 32 -51.74 2.75 -4.58
CA GLU B 32 -51.36 1.51 -5.24
C GLU B 32 -50.35 1.74 -6.36
N LYS B 33 -50.43 2.90 -7.07
CA LYS B 33 -49.51 3.25 -8.14
C LYS B 33 -48.12 3.49 -7.54
N ARG B 34 -48.11 4.03 -6.31
CA ARG B 34 -46.88 4.35 -5.60
C ARG B 34 -46.16 3.08 -5.18
N ASN B 35 -46.91 2.05 -4.78
CA ASN B 35 -46.32 0.80 -4.33
C ASN B 35 -45.73 0.03 -5.51
N LEU B 36 -46.25 0.29 -6.70
CA LEU B 36 -45.77 -0.42 -7.86
C LEU B 36 -44.36 0.06 -8.22
N LEU B 37 -44.14 1.36 -8.10
CA LEU B 37 -42.80 1.89 -8.26
C LEU B 37 -41.84 1.34 -7.19
N ARG B 38 -42.22 1.44 -5.91
CA ARG B 38 -41.38 0.86 -4.87
C ARG B 38 -41.00 -0.54 -5.32
N SER B 39 -42.01 -1.40 -5.59
CA SER B 39 -41.84 -2.78 -5.94
C SER B 39 -40.84 -2.95 -7.08
N LEU B 40 -41.02 -2.20 -8.18
CA LEU B 40 -40.16 -2.29 -9.35
C LEU B 40 -38.75 -1.82 -9.04
N MET B 41 -38.60 -0.85 -8.13
CA MET B 41 -37.27 -0.39 -7.71
C MET B 41 -36.59 -1.46 -6.84
N ASN B 42 -37.31 -2.00 -5.85
CA ASN B 42 -36.72 -3.00 -4.99
C ASN B 42 -36.22 -4.20 -5.81
N MET B 43 -36.89 -4.53 -6.92
CA MET B 43 -36.58 -5.76 -7.64
C MET B 43 -35.48 -5.56 -8.66
N ARG B 44 -34.98 -4.34 -8.91
CA ARG B 44 -34.09 -4.11 -10.05
C ARG B 44 -32.62 -4.35 -9.72
N HIS B 45 -32.05 -5.46 -10.21
CA HIS B 45 -30.64 -5.79 -10.08
C HIS B 45 -29.82 -4.67 -10.70
N PRO B 46 -28.58 -4.44 -10.21
CA PRO B 46 -27.80 -3.26 -10.65
C PRO B 46 -27.29 -3.36 -12.09
N SER B 47 -27.45 -2.28 -12.88
CA SER B 47 -26.67 -2.04 -14.08
C SER B 47 -27.05 -0.69 -14.73
N ASN B 48 -26.34 -0.30 -15.81
CA ASN B 48 -26.42 1.00 -16.45
C ASN B 48 -27.83 1.56 -16.53
N ILE B 49 -27.97 2.87 -16.28
CA ILE B 49 -29.25 3.56 -16.38
C ILE B 49 -29.04 4.94 -16.98
N SER B 50 -30.06 5.42 -17.71
CA SER B 50 -29.95 6.67 -18.47
C SER B 50 -29.96 7.87 -17.52
N GLU B 51 -29.18 8.90 -17.90
CA GLU B 51 -29.13 10.18 -17.23
C GLU B 51 -30.56 10.69 -16.99
N GLU B 52 -31.40 10.52 -18.02
CA GLU B 52 -32.76 11.05 -18.04
C GLU B 52 -33.55 10.51 -16.85
N PHE B 53 -33.52 9.18 -16.67
CA PHE B 53 -34.22 8.51 -15.58
C PHE B 53 -33.83 9.05 -14.20
N LEU B 54 -32.51 9.18 -13.95
CA LEU B 54 -31.97 9.61 -12.67
C LEU B 54 -32.47 11.03 -12.36
N ARG B 55 -32.33 11.92 -13.34
CA ARG B 55 -32.73 13.30 -13.12
C ARG B 55 -34.18 13.34 -12.63
N ILE B 56 -35.06 12.59 -13.32
CA ILE B 56 -36.48 12.70 -13.03
C ILE B 56 -36.79 11.98 -11.73
N GLN B 57 -36.06 10.89 -11.47
CA GLN B 57 -36.27 10.12 -10.26
C GLN B 57 -35.97 11.01 -9.05
N ASP B 58 -34.87 11.78 -9.16
CA ASP B 58 -34.42 12.71 -8.12
C ASP B 58 -35.47 13.81 -7.91
N GLU B 59 -36.03 14.39 -8.98
CA GLU B 59 -37.04 15.40 -8.79
C GLU B 59 -38.20 14.80 -7.98
N PHE B 60 -38.64 13.57 -8.34
CA PHE B 60 -39.83 12.97 -7.73
C PHE B 60 -39.59 12.71 -6.24
N LEU B 61 -38.48 12.04 -5.92
CA LEU B 61 -38.25 11.59 -4.56
C LEU B 61 -37.89 12.74 -3.61
N SER B 62 -37.06 13.72 -4.06
CA SER B 62 -36.72 14.88 -3.25
C SER B 62 -38.00 15.59 -2.80
N ARG B 63 -38.95 15.73 -3.76
CA ARG B 63 -40.25 16.31 -3.49
C ARG B 63 -40.94 15.52 -2.38
N GLU B 64 -40.99 14.19 -2.49
CA GLU B 64 -41.70 13.38 -1.50
C GLU B 64 -41.06 13.60 -0.13
N THR B 65 -39.73 13.45 -0.05
CA THR B 65 -38.94 13.79 1.13
C THR B 65 -39.32 15.15 1.71
N ALA B 66 -39.27 16.22 0.92
CA ALA B 66 -39.56 17.57 1.42
C ALA B 66 -40.99 17.68 1.96
N ASN B 67 -41.92 16.84 1.47
CA ASN B 67 -43.30 16.92 1.92
C ASN B 67 -43.61 16.01 3.10
N LYS B 68 -42.61 15.30 3.65
CA LYS B 68 -42.86 14.62 4.91
C LYS B 68 -42.69 15.61 6.07
N ASN B 69 -42.96 15.13 7.28
CA ASN B 69 -42.77 15.89 8.49
CA ASN B 69 -42.76 15.91 8.48
C ASN B 69 -41.34 15.58 8.99
N LEU B 70 -40.39 16.49 8.64
CA LEU B 70 -38.96 16.31 8.91
C LEU B 70 -38.63 16.74 10.34
N THR B 71 -37.66 16.10 10.95
CA THR B 71 -37.17 16.41 12.29
C THR B 71 -35.66 16.74 12.21
N SER B 72 -35.25 17.91 12.76
CA SER B 72 -33.86 18.25 12.97
C SER B 72 -33.33 17.65 14.24
N VAL B 73 -32.01 17.35 14.19
CA VAL B 73 -31.31 16.83 15.34
C VAL B 73 -31.46 17.79 16.52
N GLU B 74 -31.37 19.11 16.31
CA GLU B 74 -31.37 19.98 17.49
C GLU B 74 -32.76 20.07 18.12
N ASP B 75 -33.84 19.62 17.44
CA ASP B 75 -35.20 19.57 18.01
C ASP B 75 -35.49 18.30 18.84
N ILE B 76 -34.56 17.33 18.96
CA ILE B 76 -34.79 16.23 19.90
C ILE B 76 -34.53 16.71 21.32
N SER B 77 -35.44 16.45 22.25
CA SER B 77 -35.31 17.07 23.58
C SER B 77 -34.86 16.08 24.65
N LEU B 78 -34.91 14.79 24.36
CA LEU B 78 -34.67 13.79 25.37
C LEU B 78 -33.22 13.29 25.24
N SER B 79 -32.36 13.60 26.24
CA SER B 79 -30.92 13.39 26.06
C SER B 79 -30.17 13.15 27.37
N SER B 80 -29.10 12.36 27.32
CA SER B 80 -28.17 12.18 28.41
C SER B 80 -26.76 12.30 27.85
N GLY B 81 -26.03 13.33 28.25
CA GLY B 81 -24.75 13.67 27.63
C GLY B 81 -24.90 13.82 26.11
N LYS B 82 -23.97 13.21 25.37
CA LYS B 82 -24.11 13.26 23.92
C LYS B 82 -25.12 12.24 23.36
N ILE B 83 -25.74 11.42 24.19
CA ILE B 83 -26.74 10.49 23.68
C ILE B 83 -28.14 11.09 23.70
N MET B 84 -28.88 10.89 22.61
CA MET B 84 -30.27 11.23 22.44
C MET B 84 -31.08 9.95 22.16
N LEU B 85 -32.36 9.92 22.53
CA LEU B 85 -33.32 8.87 22.23
C LEU B 85 -34.54 9.45 21.52
N TRP B 86 -34.99 8.80 20.48
CA TRP B 86 -36.00 9.35 19.59
C TRP B 86 -36.75 8.21 18.90
N GLN B 87 -38.09 8.29 18.96
CA GLN B 87 -38.91 7.36 18.22
C GLN B 87 -39.41 7.97 16.92
N GLY B 88 -39.10 7.32 15.80
CA GLY B 88 -39.57 7.82 14.51
C GLY B 88 -38.87 7.10 13.36
N ASP B 89 -39.22 7.55 12.16
CA ASP B 89 -38.86 6.99 10.88
C ASP B 89 -37.56 7.65 10.45
N ILE B 90 -36.49 6.86 10.30
CA ILE B 90 -35.14 7.35 10.12
C ILE B 90 -35.04 8.06 8.77
N THR B 91 -36.06 7.93 7.90
CA THR B 91 -36.03 8.63 6.61
C THR B 91 -36.60 10.05 6.72
N THR B 92 -37.00 10.47 7.94
CA THR B 92 -37.49 11.84 8.21
C THR B 92 -36.51 12.70 8.99
N LEU B 93 -35.29 12.16 9.21
CA LEU B 93 -34.34 12.72 10.17
C LEU B 93 -33.16 13.30 9.43
N SER B 94 -32.86 14.56 9.76
CA SER B 94 -31.85 15.36 9.10
C SER B 94 -30.49 15.17 9.76
N ALA B 95 -30.09 13.99 10.16
CA ALA B 95 -28.78 13.77 10.77
C ALA B 95 -27.68 13.83 9.72
N ASP B 96 -26.39 14.02 10.14
CA ASP B 96 -25.33 14.05 9.15
C ASP B 96 -25.23 12.65 8.53
N ALA B 97 -25.31 11.65 9.40
CA ALA B 97 -25.39 10.27 8.92
C ALA B 97 -26.49 9.46 9.60
N ILE B 98 -27.17 8.60 8.83
CA ILE B 98 -28.00 7.49 9.37
C ILE B 98 -27.37 6.12 9.10
N VAL B 99 -27.55 5.17 10.02
CA VAL B 99 -27.02 3.84 9.87
C VAL B 99 -28.05 2.86 9.28
N ASN B 100 -27.62 2.10 8.25
CA ASN B 100 -28.49 1.15 7.56
C ASN B 100 -28.14 -0.21 8.09
N ALA B 101 -29.13 -1.06 8.43
CA ALA B 101 -28.82 -2.43 8.86
C ALA B 101 -28.78 -3.36 7.63
N ALA B 102 -27.58 -3.63 7.11
CA ALA B 102 -27.50 -4.08 5.73
C ALA B 102 -27.17 -5.57 5.69
N ASN B 103 -27.07 -6.11 4.47
CA ASN B 103 -26.57 -7.47 4.20
C ASN B 103 -25.20 -7.44 3.48
N SER B 104 -24.56 -8.60 3.39
CA SER B 104 -23.16 -8.72 3.03
C SER B 104 -22.93 -8.46 1.55
N LYS B 105 -24.01 -8.33 0.75
CA LYS B 105 -23.80 -7.93 -0.63
C LYS B 105 -23.96 -6.44 -0.79
N LEU B 106 -24.61 -5.81 0.22
CA LEU B 106 -24.75 -4.37 0.41
C LEU B 106 -25.66 -3.81 -0.67
N LEU B 107 -26.48 -4.68 -1.28
CA LEU B 107 -27.39 -4.32 -2.36
C LEU B 107 -28.80 -4.04 -1.87
N GLY B 108 -29.04 -3.85 -0.57
CA GLY B 108 -30.43 -3.65 -0.14
C GLY B 108 -31.33 -4.90 -0.26
N CYS B 109 -32.65 -4.72 -0.38
CA CYS B 109 -33.67 -5.80 -0.19
C CYS B 109 -34.45 -6.02 -1.48
N PHE B 110 -34.59 -7.26 -1.95
CA PHE B 110 -35.19 -7.53 -3.26
C PHE B 110 -36.64 -7.96 -3.16
N ILE B 111 -37.18 -8.07 -1.96
CA ILE B 111 -38.58 -8.43 -1.79
C ILE B 111 -39.47 -7.20 -2.01
N PRO B 112 -40.49 -7.16 -2.88
CA PRO B 112 -41.30 -5.93 -3.05
C PRO B 112 -42.03 -5.60 -1.74
N MET B 113 -41.82 -4.37 -1.27
CA MET B 113 -42.63 -3.78 -0.21
C MET B 113 -42.27 -4.43 1.13
N HIS B 114 -41.09 -5.03 1.28
CA HIS B 114 -40.74 -5.52 2.61
C HIS B 114 -40.37 -4.31 3.49
N ASN B 115 -40.58 -4.46 4.80
CA ASN B 115 -40.52 -3.40 5.81
C ASN B 115 -39.27 -3.53 6.67
N CYS B 116 -38.20 -4.16 6.11
CA CYS B 116 -36.88 -4.04 6.76
C CYS B 116 -36.36 -2.61 6.59
N ILE B 117 -35.43 -2.18 7.43
CA ILE B 117 -34.92 -0.80 7.28
C ILE B 117 -34.14 -0.66 5.98
N ASP B 118 -33.55 -1.78 5.51
CA ASP B 118 -32.80 -1.76 4.27
C ASP B 118 -33.71 -1.40 3.10
N ASN B 119 -34.86 -2.02 2.98
CA ASN B 119 -35.81 -1.70 1.89
C ASN B 119 -36.27 -0.26 2.02
N ILE B 120 -36.65 0.11 3.24
CA ILE B 120 -37.19 1.45 3.48
C ILE B 120 -36.16 2.49 3.10
N ILE B 121 -34.86 2.31 3.41
CA ILE B 121 -33.87 3.33 3.11
C ILE B 121 -33.59 3.36 1.61
N HIS B 122 -33.48 2.22 0.98
CA HIS B 122 -33.21 2.20 -0.46
C HIS B 122 -34.38 2.80 -1.25
N SER B 123 -35.63 2.57 -0.79
CA SER B 123 -36.79 3.10 -1.49
C SER B 123 -36.88 4.63 -1.41
N ALA B 124 -36.49 5.25 -0.29
CA ALA B 124 -36.48 6.71 -0.17
C ALA B 124 -35.20 7.31 -0.78
N SER B 125 -34.09 6.55 -0.87
CA SER B 125 -32.85 7.17 -1.27
C SER B 125 -32.75 7.30 -2.77
N GLY B 126 -33.10 6.20 -3.49
CA GLY B 126 -32.96 6.11 -4.94
C GLY B 126 -32.09 4.95 -5.41
N LEU B 127 -32.08 4.64 -6.71
CA LEU B 127 -31.32 3.50 -7.21
C LEU B 127 -29.83 3.77 -7.15
N GLN B 128 -29.39 5.06 -7.10
CA GLN B 128 -27.98 5.39 -6.97
C GLN B 128 -27.38 4.71 -5.74
N LEU B 129 -28.16 4.56 -4.66
CA LEU B 129 -27.64 3.92 -3.47
C LEU B 129 -27.17 2.47 -3.75
N ARG B 130 -27.97 1.69 -4.48
CA ARG B 130 -27.62 0.32 -4.78
C ARG B 130 -26.42 0.28 -5.74
N GLU B 131 -26.41 1.19 -6.74
CA GLU B 131 -25.32 1.31 -7.70
C GLU B 131 -24.00 1.65 -6.98
N GLU B 132 -23.99 2.63 -6.05
CA GLU B 132 -22.76 3.07 -5.41
C GLU B 132 -22.23 1.92 -4.55
N CYS B 133 -23.10 1.24 -3.78
CA CYS B 133 -22.68 0.10 -2.95
C CYS B 133 -22.16 -1.05 -3.83
N ASN B 134 -22.78 -1.20 -5.03
CA ASN B 134 -22.34 -2.26 -5.92
C ASN B 134 -20.93 -1.99 -6.43
N ARG B 135 -20.59 -0.74 -6.80
CA ARG B 135 -19.24 -0.39 -7.25
C ARG B 135 -18.22 -0.67 -6.14
N MET B 136 -18.60 -0.47 -4.86
CA MET B 136 -17.67 -0.68 -3.76
C MET B 136 -17.45 -2.17 -3.51
N ILE B 137 -18.49 -3.00 -3.66
CA ILE B 137 -18.31 -4.44 -3.54
C ILE B 137 -17.43 -5.03 -4.67
N MET B 138 -17.61 -4.56 -5.91
CA MET B 138 -16.86 -5.03 -7.06
C MET B 138 -15.38 -4.65 -6.88
N LEU B 139 -15.07 -3.40 -6.48
CA LEU B 139 -13.69 -3.01 -6.21
C LEU B 139 -13.10 -3.83 -5.06
N GLN B 140 -13.86 -4.15 -4.03
CA GLN B 140 -13.33 -4.89 -2.90
C GLN B 140 -13.09 -6.36 -3.29
N GLY B 141 -13.86 -6.87 -4.26
CA GLY B 141 -13.65 -8.20 -4.81
C GLY B 141 -14.23 -9.31 -3.95
N GLY B 142 -15.42 -9.06 -3.40
CA GLY B 142 -16.10 -10.00 -2.55
C GLY B 142 -16.81 -9.27 -1.41
N ASP B 143 -17.45 -10.08 -0.58
CA ASP B 143 -18.54 -9.62 0.25
C ASP B 143 -18.04 -8.79 1.41
N GLU B 144 -18.97 -8.11 2.09
CA GLU B 144 -18.69 -7.43 3.32
C GLU B 144 -18.84 -8.35 4.51
N ASP B 145 -17.80 -8.42 5.36
CA ASP B 145 -17.87 -9.11 6.64
C ASP B 145 -18.82 -8.30 7.59
N VAL B 146 -19.35 -9.05 8.54
CA VAL B 146 -20.10 -8.62 9.68
C VAL B 146 -19.24 -7.72 10.53
N GLY B 147 -19.85 -6.60 11.06
CA GLY B 147 -19.21 -5.80 12.10
C GLY B 147 -18.27 -4.73 11.55
N LYS B 148 -18.41 -4.38 10.26
CA LYS B 148 -17.62 -3.32 9.61
C LYS B 148 -18.56 -2.17 9.30
N ALA B 149 -18.12 -1.19 8.50
CA ALA B 149 -18.89 -0.01 8.11
C ALA B 149 -18.37 0.56 6.79
N LYS B 150 -19.28 0.93 5.89
CA LYS B 150 -18.99 1.72 4.69
C LYS B 150 -19.92 2.93 4.54
N ILE B 151 -19.48 3.99 3.80
CA ILE B 151 -20.22 5.23 3.73
C ILE B 151 -20.53 5.60 2.30
N THR B 152 -21.70 6.23 2.04
CA THR B 152 -22.14 6.65 0.72
C THR B 152 -22.93 7.93 0.84
N ASN B 153 -23.22 8.58 -0.29
CA ASN B 153 -24.16 9.69 -0.29
C ASN B 153 -25.55 9.17 0.11
N ALA B 154 -26.47 10.09 0.50
CA ALA B 154 -27.80 9.72 0.94
C ALA B 154 -28.86 10.04 -0.11
N TYR B 155 -28.43 10.70 -1.18
CA TYR B 155 -29.27 11.11 -2.30
C TYR B 155 -30.49 11.89 -1.79
N ASN B 156 -31.67 11.37 -2.11
CA ASN B 156 -32.91 12.11 -1.94
C ASN B 156 -33.38 12.00 -0.51
N LEU B 157 -32.64 11.32 0.34
CA LEU B 157 -32.91 11.38 1.78
C LEU B 157 -32.56 12.77 2.32
N PRO B 158 -33.10 13.11 3.52
CA PRO B 158 -32.82 14.40 4.13
C PRO B 158 -31.54 14.43 4.95
N SER B 159 -30.90 13.28 5.14
CA SER B 159 -29.54 13.24 5.68
C SER B 159 -28.49 13.38 4.59
N LYS B 160 -27.22 13.48 5.01
CA LYS B 160 -26.13 13.73 4.08
C LYS B 160 -25.52 12.43 3.59
N TYR B 161 -25.21 11.54 4.52
CA TYR B 161 -24.54 10.27 4.30
C TYR B 161 -25.38 9.10 4.81
N VAL B 162 -25.25 7.93 4.18
CA VAL B 162 -25.67 6.68 4.81
C VAL B 162 -24.44 5.85 5.15
N VAL B 163 -24.39 5.30 6.37
CA VAL B 163 -23.40 4.37 6.83
C VAL B 163 -24.03 2.98 6.92
N HIS B 164 -23.52 2.03 6.11
CA HIS B 164 -24.07 0.68 6.06
C HIS B 164 -23.21 -0.26 6.87
N THR B 165 -23.82 -1.09 7.73
CA THR B 165 -23.10 -2.12 8.49
C THR B 165 -23.92 -3.42 8.51
N VAL B 166 -23.32 -4.56 8.83
CA VAL B 166 -23.96 -5.86 8.65
C VAL B 166 -23.87 -6.50 10.00
N GLY B 167 -25.01 -6.67 10.71
CA GLY B 167 -24.93 -7.17 12.06
C GLY B 167 -24.91 -8.70 12.03
N PRO B 168 -24.65 -9.32 13.19
CA PRO B 168 -24.65 -10.73 13.30
C PRO B 168 -26.09 -11.22 13.31
N SER B 169 -26.27 -12.50 12.97
CA SER B 169 -27.60 -13.01 12.72
C SER B 169 -27.75 -14.29 13.52
N ILE B 170 -28.84 -14.43 14.25
CA ILE B 170 -28.98 -15.49 15.23
C ILE B 170 -29.89 -16.57 14.66
N GLU B 171 -29.33 -17.78 14.48
CA GLU B 171 -30.04 -18.85 13.78
C GLU B 171 -31.20 -19.26 14.69
N ARG B 172 -32.31 -19.58 14.01
CA ARG B 172 -33.61 -19.91 14.62
C ARG B 172 -33.41 -20.94 15.74
N GLY B 173 -33.67 -20.58 16.99
CA GLY B 173 -33.64 -21.55 18.08
C GLY B 173 -32.24 -21.86 18.61
N MET B 174 -31.48 -20.79 18.80
CA MET B 174 -30.19 -20.83 19.44
C MET B 174 -30.09 -19.63 20.36
N ARG B 175 -29.16 -19.73 21.32
CA ARG B 175 -28.79 -18.66 22.24
C ARG B 175 -27.70 -17.76 21.65
N VAL B 176 -27.54 -16.58 22.25
CA VAL B 176 -26.53 -15.62 21.85
C VAL B 176 -25.19 -16.01 22.44
N SER B 177 -24.17 -16.19 21.58
CA SER B 177 -22.82 -16.56 22.01
C SER B 177 -22.03 -15.29 22.34
N SER B 178 -20.93 -15.43 23.10
CA SER B 178 -20.02 -14.33 23.38
C SER B 178 -19.51 -13.77 22.07
N ASP B 179 -19.40 -14.62 21.05
CA ASP B 179 -18.89 -14.18 19.76
CA ASP B 179 -18.90 -14.23 19.74
C ASP B 179 -19.93 -13.32 19.03
N ASP B 180 -21.23 -13.52 19.26
CA ASP B 180 -22.25 -12.70 18.63
C ASP B 180 -22.32 -11.32 19.30
N VAL B 181 -22.17 -11.25 20.63
CA VAL B 181 -21.98 -10.02 21.36
C VAL B 181 -20.81 -9.20 20.79
N LYS B 182 -19.68 -9.85 20.51
CA LYS B 182 -18.44 -9.19 20.07
C LYS B 182 -18.69 -8.57 18.71
N LYS B 183 -19.46 -9.26 17.89
CA LYS B 183 -19.70 -8.77 16.55
C LYS B 183 -20.63 -7.54 16.57
N LEU B 184 -21.56 -7.50 17.52
CA LEU B 184 -22.49 -6.39 17.54
C LEU B 184 -21.80 -5.18 18.17
N GLU B 185 -20.91 -5.41 19.13
CA GLU B 185 -20.02 -4.34 19.56
C GLU B 185 -19.28 -3.70 18.39
N ARG B 186 -18.66 -4.52 17.53
CA ARG B 186 -17.82 -4.03 16.44
C ARG B 186 -18.66 -3.25 15.45
N CYS B 187 -19.94 -3.62 15.25
CA CYS B 187 -20.80 -2.82 14.39
C CYS B 187 -20.91 -1.37 14.94
N TYR B 188 -21.14 -1.22 16.25
CA TYR B 188 -21.32 0.14 16.81
C TYR B 188 -19.98 0.90 16.71
N ASN B 189 -18.83 0.25 17.03
CA ASN B 189 -17.52 0.91 17.05
C ASN B 189 -17.10 1.30 15.64
N SER B 190 -17.41 0.47 14.67
CA SER B 190 -16.96 0.76 13.32
C SER B 190 -17.68 1.98 12.78
N CYS B 191 -18.98 2.07 13.09
CA CYS B 191 -19.80 3.18 12.59
C CYS B 191 -19.34 4.49 13.24
N LEU B 192 -19.01 4.51 14.54
CA LEU B 192 -18.59 5.71 15.25
C LEU B 192 -17.23 6.19 14.70
N GLU B 193 -16.33 5.20 14.47
CA GLU B 193 -15.01 5.41 13.96
C GLU B 193 -15.10 6.08 12.59
N LEU B 194 -15.91 5.56 11.70
CA LEU B 194 -15.94 6.16 10.36
C LEU B 194 -16.60 7.56 10.33
N ALA B 195 -17.66 7.74 11.13
CA ALA B 195 -18.28 9.07 11.21
C ALA B 195 -17.29 10.09 11.75
N SER B 196 -16.53 9.68 12.79
CA SER B 196 -15.42 10.44 13.36
C SER B 196 -14.41 10.86 12.31
N GLU B 197 -14.08 10.01 11.35
CA GLU B 197 -13.04 10.31 10.37
C GLU B 197 -13.57 11.30 9.33
N TYR B 198 -14.88 11.23 9.07
CA TYR B 198 -15.51 12.18 8.16
C TYR B 198 -15.82 13.50 8.91
N LYS B 199 -15.50 13.60 10.20
CA LYS B 199 -15.69 14.80 11.01
C LYS B 199 -17.17 15.18 11.10
N LEU B 200 -18.09 14.24 11.29
CA LEU B 200 -19.51 14.64 11.34
C LEU B 200 -19.89 15.00 12.77
N ASN B 201 -20.97 15.77 12.94
CA ASN B 201 -21.39 16.16 14.29
C ASN B 201 -22.50 15.29 14.84
N SER B 202 -23.29 14.63 13.96
CA SER B 202 -24.31 13.73 14.49
C SER B 202 -24.46 12.45 13.66
N ILE B 203 -24.76 11.33 14.34
CA ILE B 203 -25.12 10.06 13.69
C ILE B 203 -26.31 9.42 14.37
N ALA B 204 -27.26 8.89 13.57
CA ALA B 204 -28.43 8.11 14.03
C ALA B 204 -28.38 6.60 13.70
N PHE B 205 -28.44 5.75 14.73
CA PHE B 205 -28.46 4.29 14.69
C PHE B 205 -29.90 3.73 14.77
N CYS B 206 -30.16 2.64 14.01
CA CYS B 206 -31.32 1.78 14.14
C CYS B 206 -30.94 0.63 15.07
N CYS B 207 -31.91 -0.19 15.51
CA CYS B 207 -31.68 -1.25 16.46
C CYS B 207 -31.21 -2.51 15.69
N ILE B 208 -29.95 -2.46 15.24
CA ILE B 208 -29.25 -3.40 14.39
C ILE B 208 -29.45 -4.83 14.88
N SER B 209 -29.77 -5.75 13.94
CA SER B 209 -29.84 -7.20 14.13
C SER B 209 -31.13 -7.67 14.81
N THR B 210 -31.99 -6.76 15.29
CA THR B 210 -33.08 -7.11 16.21
C THR B 210 -34.37 -7.47 15.49
N GLY B 211 -34.42 -7.30 14.17
CA GLY B 211 -35.52 -7.60 13.27
C GLY B 211 -35.39 -8.98 12.58
N VAL B 212 -35.21 -8.99 11.26
CA VAL B 212 -34.94 -10.23 10.51
C VAL B 212 -33.80 -11.07 11.14
N PHE B 213 -32.74 -10.47 11.69
CA PHE B 213 -31.60 -11.25 12.15
C PHE B 213 -31.81 -11.72 13.60
N ASN B 214 -32.94 -11.36 14.18
CA ASN B 214 -33.45 -12.15 15.29
C ASN B 214 -32.63 -12.04 16.59
N PHE B 215 -31.94 -10.95 16.91
CA PHE B 215 -31.18 -10.82 18.16
C PHE B 215 -32.14 -10.39 19.27
N PRO B 216 -32.14 -10.96 20.50
CA PRO B 216 -33.02 -10.44 21.57
C PRO B 216 -32.93 -8.93 21.84
N GLN B 217 -34.06 -8.21 21.94
CA GLN B 217 -34.07 -6.75 21.97
C GLN B 217 -33.42 -6.13 23.21
N LYS B 218 -33.64 -6.70 24.38
CA LYS B 218 -33.12 -6.13 25.61
C LYS B 218 -31.59 -6.21 25.60
N LYS B 219 -31.05 -7.37 25.25
CA LYS B 219 -29.61 -7.64 25.29
C LYS B 219 -28.85 -6.78 24.26
N ALA B 220 -29.43 -6.57 23.06
CA ALA B 220 -28.89 -5.72 22.00
C ALA B 220 -28.72 -4.27 22.46
N ALA B 221 -29.77 -3.75 23.11
CA ALA B 221 -29.73 -2.43 23.77
C ALA B 221 -28.65 -2.35 24.86
N GLU B 222 -28.49 -3.38 25.69
CA GLU B 222 -27.46 -3.34 26.71
C GLU B 222 -26.14 -3.14 25.99
N ILE B 223 -25.98 -3.76 24.81
CA ILE B 223 -24.68 -3.74 24.14
C ILE B 223 -24.45 -2.41 23.46
N ALA B 224 -25.52 -1.89 22.87
CA ALA B 224 -25.47 -0.66 22.09
C ALA B 224 -25.10 0.51 23.00
N ILE B 225 -25.67 0.54 24.20
CA ILE B 225 -25.45 1.67 25.09
C ILE B 225 -24.08 1.54 25.73
N ARG B 226 -23.67 0.32 26.13
CA ARG B 226 -22.35 0.16 26.69
C ARG B 226 -21.28 0.55 25.65
N THR B 227 -21.50 0.17 24.39
CA THR B 227 -20.45 0.32 23.40
C THR B 227 -20.28 1.81 23.09
N VAL B 228 -21.42 2.49 22.92
CA VAL B 228 -21.38 3.92 22.62
C VAL B 228 -20.73 4.71 23.76
N LYS B 229 -21.05 4.38 25.02
CA LYS B 229 -20.45 5.09 26.13
C LYS B 229 -18.95 4.85 26.21
N ASP B 230 -18.50 3.59 26.11
CA ASP B 230 -17.06 3.30 26.15
C ASP B 230 -16.32 4.00 25.00
N PHE B 231 -16.96 4.23 23.87
CA PHE B 231 -16.28 4.91 22.77
C PHE B 231 -16.14 6.39 23.08
N LEU B 232 -17.22 7.03 23.54
CA LEU B 232 -17.16 8.46 23.90
C LEU B 232 -16.23 8.72 25.08
N ASN B 233 -16.13 7.80 26.05
CA ASN B 233 -15.19 7.92 27.16
C ASN B 233 -13.74 7.78 26.76
N SER B 234 -13.43 7.15 25.61
CA SER B 234 -12.07 6.67 25.35
C SER B 234 -11.45 7.32 24.11
N ASN B 235 -12.16 8.17 23.39
CA ASN B 235 -11.62 8.77 22.18
C ASN B 235 -12.06 10.22 22.08
N GLU B 236 -11.26 11.05 21.42
CA GLU B 236 -11.69 12.33 20.92
C GLU B 236 -12.53 12.06 19.66
N THR B 237 -13.61 12.81 19.44
CA THR B 237 -14.40 12.76 18.23
C THR B 237 -15.13 14.10 17.98
N SER B 238 -15.40 14.43 16.73
CA SER B 238 -16.23 15.53 16.30
C SER B 238 -17.72 15.24 16.60
N LEU B 239 -18.10 14.03 17.07
CA LEU B 239 -19.52 13.77 17.25
C LEU B 239 -20.07 14.50 18.50
N ASN B 240 -21.16 15.26 18.37
CA ASN B 240 -21.80 15.80 19.58
C ASN B 240 -23.17 15.20 19.91
N HIS B 241 -23.78 14.60 18.91
CA HIS B 241 -25.06 13.96 19.10
C HIS B 241 -25.10 12.54 18.49
N ILE B 242 -25.27 11.54 19.35
CA ILE B 242 -25.54 10.19 18.92
C ILE B 242 -26.96 9.74 19.22
N ILE B 243 -27.73 9.47 18.18
CA ILE B 243 -29.17 9.30 18.32
C ILE B 243 -29.57 7.84 18.15
N PHE B 244 -30.16 7.26 19.21
CA PHE B 244 -30.76 5.96 19.10
C PHE B 244 -32.18 6.17 18.57
N ASP B 245 -32.36 6.06 17.25
CA ASP B 245 -33.64 6.05 16.60
C ASP B 245 -34.28 4.66 16.75
N VAL B 246 -35.34 4.60 17.57
CA VAL B 246 -36.11 3.38 17.81
C VAL B 246 -37.45 3.49 17.08
N PHE B 247 -38.03 2.35 16.68
CA PHE B 247 -39.16 2.37 15.80
C PHE B 247 -40.38 1.73 16.46
N THR B 248 -40.21 0.72 17.30
CA THR B 248 -41.32 0.13 18.02
C THR B 248 -41.39 0.73 19.44
N ASP B 249 -42.61 0.79 19.97
CA ASP B 249 -42.90 1.15 21.33
C ASP B 249 -42.03 0.34 22.31
N LYS B 250 -41.85 -0.93 22.06
CA LYS B 250 -41.21 -1.78 23.05
C LYS B 250 -39.73 -1.45 23.17
N ASP B 251 -39.11 -1.07 22.04
CA ASP B 251 -37.73 -0.65 21.99
C ASP B 251 -37.58 0.73 22.66
N TYR B 252 -38.53 1.65 22.39
CA TYR B 252 -38.60 2.92 23.10
C TYR B 252 -38.52 2.66 24.60
N ASP B 253 -39.39 1.78 25.10
CA ASP B 253 -39.54 1.54 26.54
C ASP B 253 -38.25 0.89 27.07
N ILE B 254 -37.60 0.02 26.29
CA ILE B 254 -36.38 -0.64 26.75
C ILE B 254 -35.25 0.38 26.90
N TYR B 255 -35.05 1.19 25.87
CA TYR B 255 -34.00 2.19 25.87
C TYR B 255 -34.25 3.30 26.91
N LYS B 256 -35.52 3.69 27.11
CA LYS B 256 -35.90 4.74 28.03
C LYS B 256 -35.55 4.32 29.46
N LYS B 257 -35.76 3.04 29.81
CA LYS B 257 -35.51 2.56 31.15
C LYS B 257 -34.02 2.50 31.44
N LEU B 258 -33.24 2.08 30.45
CA LEU B 258 -31.82 1.85 30.65
C LEU B 258 -31.01 3.16 30.67
N LEU B 259 -31.46 4.20 29.93
CA LEU B 259 -30.70 5.45 29.84
C LEU B 259 -31.09 6.44 30.95
N PHE B 260 -32.38 6.55 31.26
CA PHE B 260 -32.93 7.57 32.16
C PHE B 260 -33.49 6.95 33.43
N GLY B 261 -33.02 5.74 33.77
CA GLY B 261 -33.32 5.12 35.04
C GLY B 261 -34.79 4.74 35.17
N ASN B 262 -35.65 5.19 34.24
CA ASN B 262 -37.09 4.93 34.28
C ASN B 262 -37.80 5.95 33.38
N GLY C 1 31.57 5.49 -39.19
CA GLY C 1 32.94 5.72 -38.68
C GLY C 1 33.22 4.84 -37.47
N PRO C 2 34.51 4.60 -37.12
CA PRO C 2 34.86 3.76 -35.96
C PRO C 2 34.53 4.43 -34.62
N MET C 3 33.28 4.37 -34.14
CA MET C 3 32.96 4.93 -32.84
C MET C 3 34.02 4.46 -31.82
N ASN C 4 34.70 5.39 -31.14
CA ASN C 4 35.68 5.04 -30.11
C ASN C 4 34.98 4.79 -28.77
N ASN C 5 35.77 4.57 -27.70
CA ASN C 5 35.20 4.17 -26.41
C ASN C 5 34.15 5.20 -25.96
N ASP C 6 34.50 6.50 -25.93
CA ASP C 6 33.61 7.51 -25.37
C ASP C 6 32.36 7.68 -26.24
N GLU C 7 32.49 7.54 -27.57
CA GLU C 7 31.37 7.68 -28.47
C GLU C 7 30.39 6.54 -28.31
N GLN C 8 30.87 5.32 -27.99
CA GLN C 8 29.97 4.18 -27.79
C GLN C 8 29.22 4.33 -26.47
N LEU C 9 29.93 4.74 -25.41
CA LEU C 9 29.38 4.95 -24.07
C LEU C 9 28.27 5.99 -24.14
N GLU C 10 28.52 7.08 -24.87
CA GLU C 10 27.60 8.20 -24.96
CA GLU C 10 27.60 8.19 -24.94
C GLU C 10 26.40 7.82 -25.84
N PHE C 11 26.56 6.86 -26.74
CA PHE C 11 25.43 6.35 -27.51
C PHE C 11 24.47 5.54 -26.62
N LEU C 12 25.03 4.66 -25.78
CA LEU C 12 24.21 3.69 -25.05
C LEU C 12 23.29 4.43 -24.06
N ILE C 13 23.83 5.49 -23.46
CA ILE C 13 23.15 6.32 -22.48
C ILE C 13 21.96 7.01 -23.13
N ASN C 14 22.23 7.65 -24.28
CA ASN C 14 21.22 8.39 -25.04
C ASN C 14 20.07 7.43 -25.40
N TYR C 15 20.39 6.17 -25.73
CA TYR C 15 19.38 5.22 -26.14
C TYR C 15 18.41 4.96 -24.99
N LEU C 16 18.96 4.65 -23.81
CA LEU C 16 18.15 4.25 -22.66
C LEU C 16 17.40 5.45 -22.07
N LEU C 17 17.99 6.65 -22.18
CA LEU C 17 17.30 7.86 -21.79
C LEU C 17 16.07 8.10 -22.68
N ASP C 18 16.26 8.09 -24.01
CA ASP C 18 15.21 8.41 -24.95
C ASP C 18 14.07 7.39 -24.90
N GLU C 19 14.27 6.27 -24.21
CA GLU C 19 13.20 5.31 -24.06
C GLU C 19 12.42 5.55 -22.75
N ARG C 20 12.89 6.49 -21.92
CA ARG C 20 12.09 6.86 -20.74
C ARG C 20 11.66 8.33 -20.80
N SER C 21 11.87 8.97 -21.95
CA SER C 21 11.59 10.38 -22.13
C SER C 21 11.99 11.18 -20.91
N GLU C 22 13.30 11.24 -20.69
CA GLU C 22 13.89 12.00 -19.61
C GLU C 22 15.23 12.51 -20.18
N SER C 23 15.59 13.72 -19.78
CA SER C 23 16.68 14.41 -20.45
C SER C 23 17.51 15.13 -19.39
N ILE C 24 18.51 14.34 -18.99
CA ILE C 24 19.52 14.72 -18.02
C ILE C 24 20.79 14.99 -18.82
N ASP C 25 21.38 16.17 -18.61
CA ASP C 25 22.63 16.49 -19.29
C ASP C 25 23.65 15.44 -18.89
N ILE C 26 24.48 15.01 -19.86
CA ILE C 26 25.44 13.94 -19.66
C ILE C 26 26.63 14.45 -18.85
N PRO C 27 26.89 13.97 -17.60
CA PRO C 27 27.92 14.57 -16.75
C PRO C 27 29.29 14.59 -17.40
N LYS C 28 30.22 15.32 -16.76
CA LYS C 28 31.54 15.66 -17.32
C LYS C 28 32.43 14.44 -17.50
N THR C 29 32.75 13.73 -16.39
CA THR C 29 33.85 12.77 -16.37
C THR C 29 33.43 11.50 -17.14
N PHE C 30 34.36 10.54 -17.19
CA PHE C 30 34.09 9.22 -17.73
C PHE C 30 33.45 8.35 -16.65
N SER C 31 33.96 8.52 -15.43
CA SER C 31 33.51 7.79 -14.26
C SER C 31 32.02 8.02 -14.00
N GLU C 32 31.57 9.29 -13.98
CA GLU C 32 30.18 9.62 -13.75
C GLU C 32 29.28 9.14 -14.90
N LYS C 33 29.80 9.19 -16.14
CA LYS C 33 29.08 8.77 -17.33
C LYS C 33 28.90 7.27 -17.26
N ARG C 34 29.90 6.57 -16.70
CA ARG C 34 29.88 5.12 -16.57
C ARG C 34 28.82 4.66 -15.58
N ASN C 35 28.64 5.39 -14.49
CA ASN C 35 27.72 4.98 -13.44
C ASN C 35 26.28 5.19 -13.92
N LEU C 36 26.10 6.14 -14.85
CA LEU C 36 24.77 6.45 -15.30
C LEU C 36 24.25 5.30 -16.18
N LEU C 37 25.14 4.71 -16.98
CA LEU C 37 24.79 3.51 -17.72
C LEU C 37 24.45 2.34 -16.79
N ARG C 38 25.34 2.03 -15.86
CA ARG C 38 25.01 1.01 -14.88
C ARG C 38 23.60 1.30 -14.34
N SER C 39 23.37 2.51 -13.80
CA SER C 39 22.11 2.90 -13.19
C SER C 39 20.93 2.61 -14.10
N LEU C 40 21.00 3.09 -15.34
CA LEU C 40 19.94 2.90 -16.30
C LEU C 40 19.75 1.43 -16.67
N MET C 41 20.80 0.63 -16.64
CA MET C 41 20.68 -0.79 -16.95
C MET C 41 20.06 -1.52 -15.77
N ASN C 42 20.51 -1.24 -14.55
CA ASN C 42 19.93 -1.90 -13.39
C ASN C 42 18.41 -1.65 -13.31
N MET C 43 17.95 -0.49 -13.78
CA MET C 43 16.57 -0.07 -13.59
C MET C 43 15.65 -0.61 -14.68
N ARG C 44 16.18 -1.20 -15.77
CA ARG C 44 15.36 -1.41 -16.96
C ARG C 44 14.65 -2.77 -16.97
N HIS C 45 13.31 -2.74 -16.82
CA HIS C 45 12.47 -3.95 -16.94
C HIS C 45 12.73 -4.62 -18.28
N PRO C 46 12.51 -5.96 -18.40
CA PRO C 46 12.78 -6.70 -19.65
C PRO C 46 11.84 -6.28 -20.78
N SER C 47 12.41 -6.00 -21.96
CA SER C 47 11.64 -5.87 -23.19
C SER C 47 12.56 -5.73 -24.40
N ASN C 48 11.96 -5.86 -25.59
CA ASN C 48 12.62 -5.79 -26.89
C ASN C 48 13.63 -4.64 -26.93
N ILE C 49 14.81 -4.92 -27.50
CA ILE C 49 15.83 -3.91 -27.74
C ILE C 49 16.47 -4.16 -29.10
N SER C 50 16.95 -3.08 -29.75
CA SER C 50 17.42 -3.16 -31.13
C SER C 50 18.75 -3.92 -31.21
N GLU C 51 18.92 -4.67 -32.31
CA GLU C 51 20.17 -5.32 -32.70
C GLU C 51 21.33 -4.35 -32.48
N GLU C 52 21.17 -3.09 -32.91
CA GLU C 52 22.27 -2.12 -32.97
C GLU C 52 22.80 -1.88 -31.57
N PHE C 53 21.89 -1.61 -30.61
CA PHE C 53 22.24 -1.42 -29.21
C PHE C 53 23.04 -2.58 -28.64
N LEU C 54 22.57 -3.83 -28.85
CA LEU C 54 23.21 -5.02 -28.32
C LEU C 54 24.62 -5.14 -28.88
N ARG C 55 24.75 -5.01 -30.19
CA ARG C 55 26.06 -5.13 -30.81
C ARG C 55 27.04 -4.16 -30.12
N ILE C 56 26.63 -2.90 -29.94
CA ILE C 56 27.54 -1.88 -29.42
C ILE C 56 27.72 -2.11 -27.93
N GLN C 57 26.69 -2.58 -27.23
CA GLN C 57 26.78 -2.86 -25.81
C GLN C 57 27.85 -3.93 -25.58
N ASP C 58 27.84 -4.97 -26.42
CA ASP C 58 28.79 -6.08 -26.41
C ASP C 58 30.21 -5.58 -26.72
N GLU C 59 30.40 -4.72 -27.71
CA GLU C 59 31.71 -4.16 -27.96
C GLU C 59 32.21 -3.45 -26.70
N PHE C 60 31.36 -2.62 -26.07
CA PHE C 60 31.76 -1.78 -24.95
C PHE C 60 32.16 -2.64 -23.77
N LEU C 61 31.29 -3.57 -23.36
CA LEU C 61 31.52 -4.31 -22.12
C LEU C 61 32.63 -5.37 -22.28
N SER C 62 32.71 -6.07 -23.42
CA SER C 62 33.82 -7.00 -23.69
C SER C 62 35.17 -6.30 -23.57
N ARG C 63 35.27 -5.11 -24.15
CA ARG C 63 36.49 -4.34 -24.04
C ARG C 63 36.78 -4.01 -22.58
N GLU C 64 35.77 -3.59 -21.79
CA GLU C 64 35.97 -3.29 -20.38
C GLU C 64 36.55 -4.52 -19.67
N THR C 65 35.86 -5.67 -19.82
CA THR C 65 36.32 -6.96 -19.33
C THR C 65 37.78 -7.22 -19.71
N ALA C 66 38.14 -7.13 -20.99
CA ALA C 66 39.51 -7.40 -21.45
C ALA C 66 40.51 -6.49 -20.79
N ASN C 67 40.13 -5.27 -20.40
CA ASN C 67 41.06 -4.33 -19.80
C ASN C 67 41.11 -4.41 -18.28
N LYS C 68 40.41 -5.35 -17.63
CA LYS C 68 40.61 -5.54 -16.20
C LYS C 68 41.78 -6.49 -15.96
N ASN C 69 42.11 -6.79 -14.69
CA ASN C 69 43.11 -7.79 -14.43
C ASN C 69 42.40 -9.14 -14.24
N LEU C 70 42.44 -9.92 -15.35
CA LEU C 70 41.80 -11.23 -15.47
C LEU C 70 42.64 -12.28 -14.80
N THR C 71 41.99 -13.26 -14.21
CA THR C 71 42.63 -14.39 -13.55
C THR C 71 42.04 -15.67 -14.17
N SER C 72 42.90 -16.63 -14.58
CA SER C 72 42.49 -18.01 -14.85
C SER C 72 42.33 -18.81 -13.58
N VAL C 73 41.50 -19.82 -13.68
CA VAL C 73 41.42 -20.81 -12.65
C VAL C 73 42.79 -21.43 -12.44
N GLU C 74 43.62 -21.68 -13.48
CA GLU C 74 44.84 -22.43 -13.21
C GLU C 74 45.85 -21.52 -12.50
N ASP C 75 45.67 -20.17 -12.53
CA ASP C 75 46.57 -19.22 -11.87
C ASP C 75 46.34 -19.10 -10.35
N ILE C 76 45.26 -19.64 -9.82
CA ILE C 76 45.08 -19.70 -8.39
C ILE C 76 46.01 -20.72 -7.77
N SER C 77 46.83 -20.37 -6.77
CA SER C 77 47.86 -21.31 -6.36
C SER C 77 47.52 -21.96 -5.02
N LEU C 78 46.50 -21.44 -4.33
CA LEU C 78 46.15 -22.03 -3.06
C LEU C 78 45.04 -23.08 -3.24
N SER C 79 45.36 -24.36 -2.93
CA SER C 79 44.47 -25.48 -3.26
C SER C 79 44.71 -26.70 -2.38
N SER C 80 43.64 -27.47 -2.23
CA SER C 80 43.57 -28.63 -1.38
C SER C 80 42.68 -29.60 -2.12
N GLY C 81 43.30 -30.58 -2.77
CA GLY C 81 42.62 -31.47 -3.69
C GLY C 81 41.95 -30.69 -4.81
N LYS C 82 40.70 -31.03 -5.07
CA LYS C 82 39.91 -30.21 -5.99
C LYS C 82 39.43 -28.86 -5.43
N ILE C 83 39.67 -28.51 -4.18
CA ILE C 83 39.15 -27.22 -3.68
C ILE C 83 40.23 -26.14 -3.77
N MET C 84 39.84 -24.92 -4.21
CA MET C 84 40.73 -23.78 -4.22
C MET C 84 40.10 -22.64 -3.43
N LEU C 85 40.93 -21.69 -2.98
CA LEU C 85 40.52 -20.52 -2.22
C LEU C 85 41.17 -19.30 -2.83
N TRP C 86 40.37 -18.25 -3.08
CA TRP C 86 40.82 -17.07 -3.81
C TRP C 86 39.96 -15.85 -3.43
N GLN C 87 40.67 -14.78 -3.13
CA GLN C 87 40.09 -13.49 -2.89
C GLN C 87 40.14 -12.61 -4.14
N GLY C 88 39.01 -12.14 -4.61
CA GLY C 88 38.94 -11.34 -5.81
C GLY C 88 37.49 -11.23 -6.32
N ASP C 89 37.36 -10.49 -7.42
CA ASP C 89 36.15 -10.08 -8.06
C ASP C 89 35.76 -11.16 -9.05
N ILE C 90 34.57 -11.76 -8.84
CA ILE C 90 34.13 -12.94 -9.60
C ILE C 90 33.91 -12.57 -11.05
N THR C 91 33.88 -11.26 -11.40
CA THR C 91 33.66 -10.86 -12.78
C THR C 91 34.99 -10.78 -13.54
N THR C 92 36.13 -11.11 -12.87
CA THR C 92 37.46 -11.12 -13.49
C THR C 92 38.01 -12.53 -13.67
N LEU C 93 37.14 -13.52 -13.41
CA LEU C 93 37.57 -14.91 -13.24
C LEU C 93 37.04 -15.74 -14.40
N SER C 94 37.95 -16.47 -15.06
CA SER C 94 37.72 -17.16 -16.32
C SER C 94 37.09 -18.55 -16.12
N ALA C 95 36.29 -18.80 -15.09
CA ALA C 95 35.83 -20.14 -14.81
C ALA C 95 34.77 -20.64 -15.82
N ASP C 96 34.52 -21.97 -15.88
CA ASP C 96 33.53 -22.43 -16.80
C ASP C 96 32.17 -21.88 -16.32
N ALA C 97 31.92 -21.90 -14.99
CA ALA C 97 30.74 -21.29 -14.39
C ALA C 97 31.07 -20.47 -13.16
N ILE C 98 30.38 -19.30 -13.02
CA ILE C 98 30.32 -18.60 -11.75
C ILE C 98 28.91 -18.69 -11.16
N VAL C 99 28.79 -18.69 -9.82
CA VAL C 99 27.51 -18.77 -9.16
C VAL C 99 27.06 -17.36 -8.69
N ASN C 100 25.82 -17.04 -9.05
CA ASN C 100 25.21 -15.76 -8.78
C ASN C 100 24.30 -16.03 -7.61
N ALA C 101 24.36 -15.17 -6.57
CA ALA C 101 23.41 -15.27 -5.46
C ALA C 101 22.12 -14.49 -5.78
N ALA C 102 21.12 -15.18 -6.30
CA ALA C 102 20.03 -14.50 -6.98
C ALA C 102 18.77 -14.44 -6.10
N ASN C 103 17.73 -13.80 -6.68
CA ASN C 103 16.40 -13.73 -6.07
C ASN C 103 15.35 -14.53 -6.86
N SER C 104 14.17 -14.72 -6.26
CA SER C 104 13.25 -15.71 -6.78
C SER C 104 12.52 -15.19 -8.03
N LYS C 105 12.76 -13.95 -8.45
CA LYS C 105 12.25 -13.55 -9.75
C LYS C 105 13.30 -13.71 -10.84
N LEU C 106 14.59 -13.86 -10.40
CA LEU C 106 15.72 -14.25 -11.21
C LEU C 106 16.08 -13.12 -12.18
N LEU C 107 15.57 -11.90 -11.92
CA LEU C 107 15.82 -10.76 -12.76
C LEU C 107 17.01 -9.90 -12.30
N GLY C 108 17.80 -10.35 -11.31
CA GLY C 108 18.82 -9.41 -10.81
C GLY C 108 18.26 -8.28 -9.94
N CYS C 109 19.01 -7.17 -9.75
CA CYS C 109 18.71 -6.14 -8.70
C CYS C 109 18.29 -4.78 -9.29
N PHE C 110 17.21 -4.13 -8.80
CA PHE C 110 16.68 -2.95 -9.50
C PHE C 110 17.13 -1.62 -8.92
N ILE C 111 17.96 -1.66 -7.91
CA ILE C 111 18.44 -0.43 -7.29
C ILE C 111 19.66 0.07 -8.05
N PRO C 112 19.76 1.31 -8.54
CA PRO C 112 20.98 1.74 -9.21
C PRO C 112 22.18 1.72 -8.27
N MET C 113 23.23 1.06 -8.79
CA MET C 113 24.56 1.14 -8.22
C MET C 113 24.59 0.29 -6.93
N HIS C 114 23.63 -0.60 -6.65
CA HIS C 114 23.81 -1.40 -5.44
C HIS C 114 24.98 -2.42 -5.63
N ASN C 115 25.70 -2.72 -4.51
CA ASN C 115 26.93 -3.51 -4.52
CA ASN C 115 26.92 -3.54 -4.64
C ASN C 115 26.69 -4.99 -4.18
N CYS C 116 25.45 -5.50 -4.30
CA CYS C 116 25.22 -6.94 -4.12
C CYS C 116 25.80 -7.69 -5.35
N ILE C 117 26.04 -8.99 -5.23
CA ILE C 117 26.75 -9.67 -6.33
C ILE C 117 25.81 -9.78 -7.53
N ASP C 118 24.46 -9.77 -7.27
CA ASP C 118 23.53 -9.91 -8.37
C ASP C 118 23.61 -8.71 -9.29
N ASN C 119 23.67 -7.49 -8.70
CA ASN C 119 23.77 -6.26 -9.47
C ASN C 119 25.09 -6.30 -10.24
N ILE C 120 26.17 -6.57 -9.49
CA ILE C 120 27.50 -6.59 -10.10
C ILE C 120 27.59 -7.56 -11.27
N ILE C 121 26.97 -8.76 -11.19
CA ILE C 121 27.10 -9.74 -12.27
C ILE C 121 26.29 -9.29 -13.47
N HIS C 122 25.07 -8.81 -13.24
CA HIS C 122 24.24 -8.40 -14.36
C HIS C 122 24.85 -7.18 -15.04
N SER C 123 25.41 -6.23 -14.26
CA SER C 123 25.98 -5.01 -14.83
C SER C 123 27.19 -5.30 -15.74
N ALA C 124 28.04 -6.27 -15.39
CA ALA C 124 29.16 -6.63 -16.26
C ALA C 124 28.72 -7.57 -17.39
N SER C 125 27.62 -8.34 -17.22
CA SER C 125 27.31 -9.40 -18.20
C SER C 125 26.65 -8.80 -19.41
N GLY C 126 25.65 -7.92 -19.20
CA GLY C 126 24.79 -7.39 -20.26
C GLY C 126 23.30 -7.58 -20.00
N LEU C 127 22.42 -6.84 -20.70
CA LEU C 127 20.98 -6.97 -20.51
C LEU C 127 20.45 -8.33 -20.96
N GLN C 128 21.23 -9.05 -21.80
CA GLN C 128 20.87 -10.42 -22.24
C GLN C 128 20.68 -11.33 -21.03
N LEU C 129 21.41 -11.10 -19.95
CA LEU C 129 21.29 -11.98 -18.79
C LEU C 129 19.87 -11.94 -18.18
N ARG C 130 19.31 -10.72 -18.06
CA ARG C 130 18.03 -10.52 -17.46
C ARG C 130 16.96 -11.08 -18.40
N GLU C 131 17.14 -10.85 -19.71
CA GLU C 131 16.23 -11.38 -20.72
C GLU C 131 16.21 -12.92 -20.67
N GLU C 132 17.38 -13.60 -20.59
CA GLU C 132 17.44 -15.06 -20.62
C GLU C 132 16.71 -15.60 -19.39
N CYS C 133 16.97 -15.04 -18.21
CA CYS C 133 16.30 -15.50 -17.00
C CYS C 133 14.79 -15.21 -17.04
N ASN C 134 14.41 -14.10 -17.70
CA ASN C 134 12.99 -13.78 -17.82
C ASN C 134 12.26 -14.84 -18.65
N ARG C 135 12.88 -15.30 -19.77
CA ARG C 135 12.28 -16.34 -20.62
C ARG C 135 12.14 -17.64 -19.86
N MET C 136 13.07 -17.94 -18.95
CA MET C 136 13.01 -19.17 -18.16
C MET C 136 11.92 -19.10 -17.11
N ILE C 137 11.70 -17.93 -16.48
CA ILE C 137 10.62 -17.78 -15.51
C ILE C 137 9.23 -17.93 -16.18
N MET C 138 9.04 -17.35 -17.38
CA MET C 138 7.76 -17.37 -18.07
C MET C 138 7.44 -18.83 -18.47
N LEU C 139 8.42 -19.55 -19.04
CA LEU C 139 8.22 -20.97 -19.34
C LEU C 139 7.98 -21.79 -18.08
N GLN C 140 8.59 -21.51 -16.95
CA GLN C 140 8.35 -22.29 -15.74
C GLN C 140 6.97 -21.96 -15.14
N GLY C 141 6.51 -20.71 -15.31
CA GLY C 141 5.18 -20.29 -14.88
C GLY C 141 5.09 -19.98 -13.37
N GLY C 142 6.11 -19.39 -12.78
CA GLY C 142 6.18 -19.35 -11.33
C GLY C 142 7.59 -18.99 -10.90
N ASP C 143 7.69 -18.36 -9.72
CA ASP C 143 8.94 -17.94 -9.11
C ASP C 143 9.82 -19.14 -8.80
N GLU C 144 11.11 -18.90 -8.61
CA GLU C 144 12.07 -19.95 -8.29
C GLU C 144 12.13 -20.22 -6.77
N ASP C 145 12.01 -21.49 -6.36
CA ASP C 145 12.19 -21.89 -4.98
C ASP C 145 13.65 -21.69 -4.56
N VAL C 146 13.84 -21.52 -3.24
CA VAL C 146 15.11 -21.53 -2.56
C VAL C 146 15.81 -22.87 -2.80
N GLY C 147 17.14 -22.83 -3.05
CA GLY C 147 18.00 -24.01 -2.99
C GLY C 147 17.95 -24.89 -4.24
N LYS C 148 17.57 -24.27 -5.38
CA LYS C 148 17.62 -24.90 -6.68
C LYS C 148 18.78 -24.32 -7.48
N ALA C 149 18.91 -24.69 -8.76
CA ALA C 149 19.89 -24.05 -9.65
C ALA C 149 19.42 -23.94 -11.10
N LYS C 150 19.71 -22.82 -11.80
CA LYS C 150 19.51 -22.72 -13.24
C LYS C 150 20.76 -22.20 -13.94
N ILE C 151 20.91 -22.41 -15.27
CA ILE C 151 22.11 -22.03 -15.99
C ILE C 151 21.80 -21.14 -17.19
N THR C 152 22.65 -20.13 -17.48
CA THR C 152 22.56 -19.28 -18.67
C THR C 152 23.95 -19.02 -19.28
N ASN C 153 24.03 -18.43 -20.47
CA ASN C 153 25.26 -17.89 -21.00
CA ASN C 153 25.29 -17.91 -21.00
C ASN C 153 25.72 -16.73 -20.11
N ALA C 154 27.02 -16.38 -20.20
CA ALA C 154 27.59 -15.36 -19.34
C ALA C 154 27.89 -14.07 -20.10
N TYR C 155 27.67 -14.07 -21.40
CA TYR C 155 27.79 -12.92 -22.28
C TYR C 155 29.17 -12.25 -22.16
N ASN C 156 29.21 -10.96 -21.80
CA ASN C 156 30.42 -10.17 -21.83
C ASN C 156 31.25 -10.40 -20.59
N LEU C 157 30.83 -11.35 -19.76
CA LEU C 157 31.75 -11.82 -18.74
C LEU C 157 32.85 -12.69 -19.38
N PRO C 158 33.98 -12.93 -18.66
CA PRO C 158 35.05 -13.79 -19.14
C PRO C 158 34.81 -15.25 -18.81
N SER C 159 33.78 -15.57 -18.01
CA SER C 159 33.39 -16.94 -17.82
C SER C 159 32.42 -17.39 -18.91
N LYS C 160 32.15 -18.71 -18.91
CA LYS C 160 31.29 -19.27 -19.97
C LYS C 160 29.80 -19.22 -19.66
N TYR C 161 29.47 -19.72 -18.47
CA TYR C 161 28.11 -19.83 -17.97
C TYR C 161 27.94 -19.03 -16.64
N VAL C 162 26.71 -18.55 -16.36
CA VAL C 162 26.32 -18.24 -15.00
C VAL C 162 25.35 -19.28 -14.47
N VAL C 163 25.57 -19.77 -13.25
CA VAL C 163 24.62 -20.58 -12.50
C VAL C 163 23.91 -19.73 -11.41
N HIS C 164 22.60 -19.66 -11.49
CA HIS C 164 21.80 -18.83 -10.57
C HIS C 164 21.10 -19.65 -9.48
N THR C 165 21.36 -19.32 -8.19
CA THR C 165 20.67 -20.00 -7.10
C THR C 165 20.15 -18.96 -6.11
N VAL C 166 19.13 -19.33 -5.34
CA VAL C 166 18.53 -18.45 -4.33
C VAL C 166 18.77 -19.04 -2.93
N GLY C 167 19.63 -18.40 -2.13
CA GLY C 167 19.92 -18.90 -0.80
C GLY C 167 18.80 -18.54 0.17
N PRO C 168 18.79 -19.13 1.36
CA PRO C 168 17.76 -18.86 2.33
C PRO C 168 18.09 -17.53 2.99
N SER C 169 17.09 -16.85 3.57
CA SER C 169 17.29 -15.51 4.09
C SER C 169 16.92 -15.44 5.56
N ILE C 170 17.68 -14.72 6.38
CA ILE C 170 17.58 -14.79 7.83
C ILE C 170 17.12 -13.43 8.31
N GLU C 171 15.94 -13.44 8.92
CA GLU C 171 15.28 -12.20 9.34
C GLU C 171 16.09 -11.56 10.46
N ARG C 172 16.10 -10.22 10.42
CA ARG C 172 16.78 -9.38 11.39
C ARG C 172 16.37 -9.75 12.82
N GLY C 173 17.27 -10.29 13.64
CA GLY C 173 16.92 -10.66 15.00
C GLY C 173 16.98 -12.17 15.24
N MET C 174 16.59 -12.99 14.24
CA MET C 174 16.22 -14.37 14.49
C MET C 174 17.48 -15.20 14.43
N ARG C 175 17.43 -16.39 15.04
CA ARG C 175 18.51 -17.37 14.94
C ARG C 175 18.29 -18.35 13.75
N VAL C 176 19.35 -19.07 13.41
CA VAL C 176 19.39 -19.95 12.26
C VAL C 176 18.72 -21.28 12.61
N SER C 177 17.69 -21.67 11.84
CA SER C 177 16.94 -22.92 12.12
C SER C 177 17.63 -24.08 11.41
N SER C 178 17.34 -25.29 11.85
CA SER C 178 17.79 -26.53 11.23
C SER C 178 17.39 -26.50 9.76
N ASP C 179 16.23 -25.89 9.50
CA ASP C 179 15.66 -25.85 8.17
C ASP C 179 16.45 -24.89 7.27
N ASP C 180 17.03 -23.82 7.84
CA ASP C 180 17.84 -22.88 7.06
C ASP C 180 19.19 -23.50 6.66
N VAL C 181 19.78 -24.28 7.56
CA VAL C 181 20.99 -25.04 7.26
C VAL C 181 20.75 -25.97 6.07
N LYS C 182 19.61 -26.68 6.09
CA LYS C 182 19.32 -27.69 5.08
C LYS C 182 19.13 -27.02 3.72
N LYS C 183 18.59 -25.82 3.74
CA LYS C 183 18.35 -25.12 2.48
C LYS C 183 19.64 -24.62 1.89
N LEU C 184 20.62 -24.27 2.74
CA LEU C 184 21.84 -23.70 2.18
C LEU C 184 22.71 -24.86 1.68
N GLU C 185 22.67 -26.03 2.33
CA GLU C 185 23.19 -27.26 1.77
C GLU C 185 22.66 -27.52 0.36
N ARG C 186 21.35 -27.40 0.14
CA ARG C 186 20.71 -27.71 -1.12
C ARG C 186 21.19 -26.76 -2.20
N CYS C 187 21.44 -25.50 -1.86
CA CYS C 187 22.04 -24.57 -2.82
C CYS C 187 23.38 -25.11 -3.32
N TYR C 188 24.26 -25.55 -2.41
CA TYR C 188 25.56 -26.03 -2.86
C TYR C 188 25.39 -27.30 -3.73
N ASN C 189 24.57 -28.28 -3.30
CA ASN C 189 24.42 -29.54 -4.03
C ASN C 189 23.77 -29.33 -5.40
N SER C 190 22.85 -28.39 -5.48
CA SER C 190 22.15 -28.19 -6.76
C SER C 190 23.14 -27.66 -7.79
N CYS C 191 23.99 -26.74 -7.36
CA CYS C 191 24.89 -26.07 -8.26
C CYS C 191 25.98 -27.07 -8.72
N LEU C 192 26.47 -27.95 -7.83
CA LEU C 192 27.42 -28.99 -8.21
C LEU C 192 26.82 -29.99 -9.22
N GLU C 193 25.56 -30.39 -8.92
CA GLU C 193 24.83 -31.35 -9.71
C GLU C 193 24.66 -30.83 -11.14
N LEU C 194 24.26 -29.56 -11.29
CA LEU C 194 23.99 -29.01 -12.61
C LEU C 194 25.30 -28.82 -13.42
N ALA C 195 26.34 -28.36 -12.72
CA ALA C 195 27.64 -28.19 -13.36
C ALA C 195 28.15 -29.53 -13.88
N SER C 196 27.99 -30.57 -13.04
CA SER C 196 28.31 -31.96 -13.39
C SER C 196 27.55 -32.43 -14.63
N GLU C 197 26.28 -32.04 -14.79
CA GLU C 197 25.46 -32.50 -15.90
C GLU C 197 25.88 -31.79 -17.17
N TYR C 198 26.36 -30.56 -17.04
CA TYR C 198 26.92 -29.85 -18.18
C TYR C 198 28.41 -30.30 -18.47
N LYS C 199 28.97 -31.20 -17.67
CA LYS C 199 30.35 -31.63 -17.84
C LYS C 199 31.36 -30.50 -17.70
N LEU C 200 31.23 -29.60 -16.72
CA LEU C 200 32.16 -28.50 -16.65
C LEU C 200 33.34 -28.89 -15.78
N ASN C 201 34.45 -28.18 -15.88
CA ASN C 201 35.68 -28.62 -15.23
C ASN C 201 35.95 -27.76 -14.02
N SER C 202 35.44 -26.52 -14.06
CA SER C 202 35.53 -25.69 -12.88
C SER C 202 34.24 -24.86 -12.63
N ILE C 203 33.99 -24.58 -11.35
CA ILE C 203 32.91 -23.70 -10.90
C ILE C 203 33.36 -22.86 -9.68
N ALA C 204 33.08 -21.53 -9.74
CA ALA C 204 33.36 -20.61 -8.64
C ALA C 204 32.07 -20.12 -7.91
N PHE C 205 32.00 -20.43 -6.60
CA PHE C 205 30.95 -19.99 -5.65
C PHE C 205 31.33 -18.69 -4.93
N CYS C 206 30.33 -17.81 -4.74
CA CYS C 206 30.38 -16.62 -3.88
C CYS C 206 29.85 -17.05 -2.52
N CYS C 207 29.97 -16.26 -1.43
CA CYS C 207 29.58 -16.79 -0.14
C CYS C 207 28.09 -16.53 0.06
N ILE C 208 27.27 -17.41 -0.55
CA ILE C 208 25.83 -17.32 -0.69
C ILE C 208 25.17 -17.04 0.64
N SER C 209 24.22 -16.08 0.60
CA SER C 209 23.29 -15.76 1.69
C SER C 209 23.91 -14.84 2.75
N THR C 210 25.23 -14.58 2.68
CA THR C 210 25.98 -13.97 3.76
C THR C 210 26.02 -12.45 3.68
N GLY C 211 25.43 -11.84 2.65
CA GLY C 211 25.32 -10.38 2.56
C GLY C 211 23.91 -9.84 2.86
N VAL C 212 23.13 -9.55 1.84
CA VAL C 212 21.81 -9.03 2.03
C VAL C 212 20.92 -10.02 2.81
N PHE C 213 21.04 -11.32 2.60
CA PHE C 213 20.19 -12.30 3.25
C PHE C 213 20.67 -12.60 4.65
N ASN C 214 21.81 -12.05 5.03
CA ASN C 214 22.13 -11.88 6.44
C ASN C 214 22.43 -13.20 7.16
N PHE C 215 23.05 -14.21 6.52
CA PHE C 215 23.37 -15.48 7.19
C PHE C 215 24.69 -15.28 7.92
N PRO C 216 24.88 -15.76 9.18
CA PRO C 216 26.19 -15.65 9.83
C PRO C 216 27.35 -16.24 9.00
N GLN C 217 28.47 -15.52 8.87
CA GLN C 217 29.54 -15.85 7.93
C GLN C 217 30.27 -17.14 8.27
N LYS C 218 30.56 -17.35 9.56
CA LYS C 218 31.35 -18.48 9.98
C LYS C 218 30.56 -19.75 9.73
N LYS C 219 29.28 -19.78 10.12
CA LYS C 219 28.45 -20.98 10.03
C LYS C 219 28.16 -21.35 8.57
N ALA C 220 28.01 -20.36 7.66
CA ALA C 220 27.84 -20.51 6.22
C ALA C 220 29.04 -21.25 5.61
N ALA C 221 30.24 -20.80 5.96
CA ALA C 221 31.48 -21.43 5.55
C ALA C 221 31.57 -22.88 6.06
N GLU C 222 31.13 -23.15 7.31
CA GLU C 222 31.18 -24.51 7.78
C GLU C 222 30.33 -25.35 6.84
N ILE C 223 29.23 -24.79 6.36
CA ILE C 223 28.26 -25.58 5.62
C ILE C 223 28.74 -25.80 4.17
N ALA C 224 29.31 -24.73 3.62
CA ALA C 224 29.77 -24.71 2.26
C ALA C 224 30.84 -25.76 2.07
N ILE C 225 31.77 -25.82 3.03
CA ILE C 225 32.90 -26.72 2.97
C ILE C 225 32.46 -28.16 3.17
N ARG C 226 31.62 -28.41 4.16
CA ARG C 226 31.14 -29.76 4.42
C ARG C 226 30.39 -30.29 3.18
N THR C 227 29.59 -29.44 2.55
CA THR C 227 28.71 -29.92 1.50
C THR C 227 29.56 -30.27 0.27
N VAL C 228 30.54 -29.40 -0.07
CA VAL C 228 31.40 -29.62 -1.22
C VAL C 228 32.22 -30.90 -1.03
N LYS C 229 32.78 -31.12 0.17
CA LYS C 229 33.57 -32.31 0.39
C LYS C 229 32.69 -33.57 0.32
N ASP C 230 31.52 -33.58 0.98
CA ASP C 230 30.64 -34.75 0.92
C ASP C 230 30.18 -35.02 -0.51
N PHE C 231 30.07 -34.03 -1.37
CA PHE C 231 29.68 -34.28 -2.75
C PHE C 231 30.82 -34.94 -3.52
N LEU C 232 32.04 -34.46 -3.34
CA LEU C 232 33.20 -35.04 -4.03
C LEU C 232 33.55 -36.43 -3.50
N ASN C 233 33.31 -36.72 -2.22
CA ASN C 233 33.42 -38.06 -1.66
C ASN C 233 32.39 -39.06 -2.18
N SER C 234 31.27 -38.59 -2.75
CA SER C 234 30.11 -39.43 -2.98
C SER C 234 29.71 -39.54 -4.46
N ASN C 235 30.34 -38.79 -5.38
CA ASN C 235 29.90 -38.85 -6.77
C ASN C 235 31.07 -38.79 -7.73
N GLU C 236 30.92 -39.36 -8.91
CA GLU C 236 31.84 -39.11 -10.01
C GLU C 236 31.42 -37.79 -10.65
N THR C 237 32.34 -36.92 -11.04
CA THR C 237 32.01 -35.67 -11.71
C THR C 237 33.17 -35.24 -12.62
N SER C 238 32.86 -34.53 -13.70
CA SER C 238 33.81 -33.81 -14.49
C SER C 238 34.48 -32.61 -13.76
N LEU C 239 34.08 -32.24 -12.55
CA LEU C 239 34.61 -31.04 -11.88
C LEU C 239 35.98 -31.40 -11.31
N ASN C 240 36.99 -30.60 -11.66
CA ASN C 240 38.28 -30.76 -11.01
C ASN C 240 38.73 -29.57 -10.18
N HIS C 241 38.03 -28.44 -10.33
CA HIS C 241 38.33 -27.28 -9.52
C HIS C 241 37.04 -26.63 -9.01
N ILE C 242 36.85 -26.63 -7.68
CA ILE C 242 35.76 -25.90 -7.04
C ILE C 242 36.32 -24.74 -6.22
N ILE C 243 36.05 -23.51 -6.71
CA ILE C 243 36.68 -22.32 -6.16
CA ILE C 243 36.68 -22.32 -6.17
C ILE C 243 35.74 -21.59 -5.23
N PHE C 244 36.16 -21.40 -3.98
CA PHE C 244 35.49 -20.50 -3.08
C PHE C 244 36.09 -19.11 -3.30
N ASP C 245 35.43 -18.32 -4.15
CA ASP C 245 35.75 -16.93 -4.38
C ASP C 245 35.15 -16.08 -3.26
N VAL C 246 36.01 -15.57 -2.39
CA VAL C 246 35.67 -14.77 -1.24
C VAL C 246 36.03 -13.33 -1.54
N PHE C 247 35.28 -12.38 -0.92
CA PHE C 247 35.38 -10.99 -1.34
C PHE C 247 35.94 -10.10 -0.22
N THR C 248 35.66 -10.44 1.03
CA THR C 248 36.09 -9.65 2.18
C THR C 248 37.26 -10.37 2.83
N ASP C 249 38.12 -9.58 3.48
CA ASP C 249 39.24 -10.07 4.27
C ASP C 249 38.71 -11.07 5.30
N LYS C 250 37.56 -10.78 5.90
CA LYS C 250 37.10 -11.57 7.02
C LYS C 250 36.73 -12.99 6.57
N ASP C 251 36.12 -13.07 5.39
CA ASP C 251 35.74 -14.35 4.83
C ASP C 251 36.99 -15.14 4.35
N TYR C 252 37.95 -14.44 3.74
CA TYR C 252 39.28 -15.00 3.45
C TYR C 252 39.82 -15.70 4.70
N ASP C 253 39.88 -14.95 5.83
CA ASP C 253 40.48 -15.44 7.05
C ASP C 253 39.68 -16.62 7.60
N ILE C 254 38.36 -16.60 7.50
CA ILE C 254 37.53 -17.69 8.03
C ILE C 254 37.79 -18.98 7.25
N TYR C 255 37.71 -18.89 5.91
CA TYR C 255 37.91 -20.03 5.04
C TYR C 255 39.36 -20.57 5.09
N LYS C 256 40.35 -19.68 5.24
CA LYS C 256 41.74 -20.09 5.28
C LYS C 256 41.97 -20.94 6.53
N LYS C 257 41.37 -20.57 7.68
CA LYS C 257 41.61 -21.28 8.93
C LYS C 257 40.93 -22.65 8.89
N LEU C 258 39.78 -22.74 8.26
CA LEU C 258 38.99 -23.95 8.27
C LEU C 258 39.51 -24.97 7.25
N LEU C 259 40.10 -24.53 6.14
CA LEU C 259 40.54 -25.47 5.08
C LEU C 259 41.97 -25.94 5.33
N PHE C 260 42.88 -25.03 5.71
CA PHE C 260 44.31 -25.33 5.79
C PHE C 260 44.83 -25.44 7.22
N GLY C 261 44.05 -25.01 8.21
CA GLY C 261 44.49 -25.06 9.59
C GLY C 261 45.12 -23.75 10.06
N ASN C 262 45.41 -22.79 9.15
CA ASN C 262 46.08 -21.53 9.48
C ASN C 262 46.66 -20.85 8.23
ZN ZN D . -7.04 8.99 6.06
ZN ZN E . 25.06 15.92 8.41
C4 A1H20 F . 2.09 13.65 11.14
C5 A1H20 F . 1.58 14.58 10.16
C6 A1H20 F . 2.48 15.46 9.49
N1 A1H20 F . 3.79 15.32 9.71
C8 A1H20 F . -0.12 13.41 11.08
N3 A1H20 F . 3.43 13.52 11.33
N A1H20 F . -9.68 4.54 8.11
C A1H20 F . -11.12 4.75 6.21
C2 A1H20 F . 4.17 14.37 10.60
N6 A1H20 F . 2.01 16.37 8.61
N7 A1H20 F . 0.23 14.47 10.20
CA A1H20 F . -9.80 5.30 6.85
CB A1H20 F . -8.50 5.52 5.97
CG A1H20 F . -7.22 6.19 6.56
OD1 A1H20 F . -7.10 7.28 7.09
ND2 A1H20 F . -6.13 5.36 6.50
O A1H20 F . -12.05 4.24 6.89
OXT A1H20 F . -11.23 5.01 4.97
O2B A1H20 F . -0.11 4.13 10.92
PB A1H20 F . -1.35 4.99 11.38
O1B A1H20 F . -1.49 4.79 12.92
O5D A1H20 F . -2.46 4.43 10.37
C5D A1H20 F . -2.24 4.30 8.97
C4D A1H20 F . -3.62 4.01 8.33
C3D A1H20 F . -3.49 3.63 6.88
O3D A1H20 F . -4.63 2.81 6.35
C2D A1H20 F . -3.74 4.90 6.24
O2D A1H20 F . -3.99 4.48 4.91
O4D A1H20 F . -4.64 4.99 8.26
C1D A1H20 F . -4.79 5.61 7.00
O3A A1H20 F . -1.10 6.41 10.71
PA A1H20 F . -1.55 7.81 11.10
O1A A1H20 F . -3.03 7.61 11.46
O2A A1H20 F . -1.39 8.56 9.80
O5' A1H20 F . -0.66 8.49 12.22
C5' A1H20 F . 0.81 8.54 12.01
C4' A1H20 F . 1.41 9.64 12.82
C3' A1H20 F . 0.59 10.26 14.00
O3' A1H20 F . 1.38 10.29 15.14
C2' A1H20 F . 0.23 11.71 13.67
O2' A1H20 F . 0.30 12.56 14.81
O4' A1H20 F . 1.59 10.68 11.88
C1' A1H20 F . 1.26 11.89 12.64
N9 A1H20 F . 0.99 12.95 11.64
ZN ZN G . 16.04 -4.61 -0.16
C1 GOL H . 11.94 4.10 -7.51
O1 GOL H . 11.12 4.85 -8.40
C2 GOL H . 13.08 4.98 -7.06
O2 GOL H . 14.33 4.27 -7.13
C3 GOL H . 13.16 6.28 -7.84
O3 GOL H . 14.48 6.72 -8.12
C1 GOL I . -10.05 -0.31 15.53
O1 GOL I . -9.79 -0.72 16.87
C2 GOL I . -8.89 0.48 14.96
O2 GOL I . -7.66 -0.20 15.14
C3 GOL I . -9.02 0.74 13.49
O3 GOL I . -7.75 0.63 12.86
C ACT J . 21.73 15.22 4.62
O ACT J . 20.80 14.79 3.82
OXT ACT J . 21.88 16.45 5.08
CH3 ACT J . 22.73 14.15 5.05
ZN ZN K . -11.53 4.04 8.80
ZN ZN L . -36.31 -6.90 3.54
ZN ZN M . -35.33 -13.82 4.04
ZN ZN N . -25.78 20.45 18.71
C4 A1H20 O . -36.84 1.10 11.88
C5 A1H20 O . -37.52 1.59 10.67
C6 A1H20 O . -37.49 2.96 10.34
N1 A1H20 O . -36.78 3.77 11.18
C8 A1H20 O . -37.87 -0.58 10.75
N3 A1H20 O . -36.07 1.88 12.75
N A1H20 O . -34.36 -12.08 4.48
C A1H20 O . -34.93 -12.31 2.07
C2 A1H20 O . -36.17 3.20 12.32
N6 A1H20 O . -38.21 3.26 9.19
N7 A1H20 O . -38.12 0.53 10.01
CA A1H20 O . -34.86 -11.38 3.28
CB A1H20 O . -34.36 -9.94 2.88
CG A1H20 O . -34.35 -8.78 4.00
OD1 A1H20 O . -35.44 -8.28 4.56
ND2 A1H20 O . -33.10 -8.46 4.39
O A1H20 O . -35.40 -13.50 2.08
OXT A1H20 O . -34.75 -11.63 1.01
O2B A1H20 O . -30.36 -6.11 11.21
PB A1H20 O . -31.80 -6.67 10.82
O1B A1H20 O . -32.26 -7.40 12.01
O5D A1H20 O . -31.81 -7.63 9.50
C5D A1H20 O . -31.07 -7.15 8.33
C4D A1H20 O . -31.39 -8.07 7.19
C3D A1H20 O . -30.55 -7.84 5.92
O3D A1H20 O . -30.54 -9.02 5.17
C2D A1H20 O . -31.36 -6.85 5.14
O2D A1H20 O . -30.85 -6.57 3.81
O4D A1H20 O . -32.73 -8.05 6.72
C1D A1H20 O . -32.73 -7.50 5.34
O3A A1H20 O . -32.45 -5.30 10.21
PA A1H20 O . -34.05 -4.97 10.48
O1A A1H20 O . -34.91 -6.21 10.50
O2A A1H20 O . -34.37 -4.11 9.36
O5' A1H20 O . -34.39 -4.26 11.86
C5' A1H20 O . -33.66 -3.24 12.44
C4' A1H20 O . -34.58 -2.21 13.20
C3' A1H20 O . -35.83 -2.76 13.85
O3' A1H20 O . -35.71 -2.49 15.24
C2' A1H20 O . -37.09 -2.27 13.19
O2' A1H20 O . -38.07 -2.22 14.23
O4' A1H20 O . -35.17 -1.26 12.34
C1' A1H20 O . -36.54 -1.04 12.86
N9 A1H20 O . -37.16 -0.23 11.82
C1 GOL P . -25.05 -11.01 5.58
O1 GOL P . -26.39 -11.23 5.12
C2 GOL P . -24.56 -11.87 6.76
O2 GOL P . -23.12 -11.72 6.87
C3 GOL P . -25.29 -11.61 8.09
O3 GOL P . -24.64 -12.04 9.31
ZN ZN Q . 21.16 -5.24 -4.91
ZN ZN R . 43.00 -27.79 -14.14
C4 A1H20 S . 31.24 -10.68 -3.96
C5 A1H20 S . 31.36 -9.63 -4.95
C6 A1H20 S . 32.32 -9.92 -6.05
N1 A1H20 S . 32.89 -11.07 -6.11
C8 A1H20 S . 30.05 -8.94 -3.28
N3 A1H20 S . 31.88 -11.84 -4.10
N A1H20 S . 17.14 -6.09 -1.21
C A1H20 S . 15.94 -4.61 -2.83
C2 A1H20 S . 32.68 -11.96 -5.15
N6 A1H20 S . 32.61 -9.08 -7.07
N7 A1H20 S . 30.61 -8.58 -4.46
CA A1H20 S . 17.24 -5.39 -2.55
CB A1H20 S . 17.85 -6.09 -3.81
CG A1H20 S . 19.10 -6.93 -3.67
OD1 A1H20 S . 20.26 -6.44 -3.56
ND2 A1H20 S . 18.87 -8.24 -3.71
O A1H20 S . 15.29 -4.11 -1.91
OXT A1H20 S . 15.70 -4.51 -4.05
O2B A1H20 S . 22.52 -14.21 -1.00
PB A1H20 S . 22.94 -12.88 -0.59
O1B A1H20 S . 23.34 -12.76 0.92
O5D A1H20 S . 21.68 -11.91 -0.83
C5D A1H20 S . 20.75 -12.05 -1.91
C4D A1H20 S . 19.78 -10.89 -2.32
C3D A1H20 S . 19.10 -11.16 -3.62
O3D A1H20 S . 17.69 -10.73 -3.55
C2D A1H20 S . 19.80 -10.38 -4.63
O2D A1H20 S . 18.96 -10.35 -5.79
O4D A1H20 S . 20.22 -9.55 -2.59
C1D A1H20 S . 19.98 -9.10 -3.91
O3A A1H20 S . 23.75 -12.16 -1.80
PA A1H20 S . 24.88 -11.09 -1.51
O1A A1H20 S . 24.33 -9.89 -0.69
O2A A1H20 S . 25.10 -10.54 -2.93
O5' A1H20 S . 26.30 -11.44 -0.97
C5' A1H20 S . 27.01 -12.58 -1.60
C4' A1H20 S . 28.54 -12.60 -1.28
C3' A1H20 S . 29.03 -11.75 -0.16
O3' A1H20 S . 29.99 -12.51 0.54
C2' A1H20 S . 29.72 -10.52 -0.71
O2' A1H20 S . 30.85 -10.19 0.07
O4' A1H20 S . 29.16 -11.93 -2.34
C1' A1H20 S . 30.17 -11.10 -1.91
N9 A1H20 S . 30.43 -10.19 -2.99
C1 GOL T . 24.91 -34.64 1.60
O1 GOL T . 23.79 -33.84 1.23
C2 GOL T . 26.20 -33.84 1.60
O2 GOL T . 26.91 -34.08 0.37
C3 GOL T . 25.99 -32.34 1.85
O3 GOL T . 25.99 -31.94 3.23
C1 GOL U . 39.13 -24.99 -16.42
O1 GOL U . 38.22 -23.90 -16.58
C2 GOL U . 40.58 -24.52 -16.36
O2 GOL U . 41.47 -25.64 -16.23
C3 GOL U . 41.04 -23.68 -17.54
O3 GOL U . 41.98 -22.68 -17.14
C1 GOL V . 23.13 -21.80 -22.67
O1 GOL V . 22.05 -21.52 -21.79
C2 GOL V . 23.28 -23.30 -22.86
O2 GOL V . 24.20 -23.61 -23.91
C3 GOL V . 21.97 -23.98 -23.17
O3 GOL V . 21.58 -24.80 -22.08
C ACT W . 33.02 -27.16 -21.29
O ACT W . 34.08 -27.41 -20.63
OXT ACT W . 32.80 -26.02 -21.84
CH3 ACT W . 31.91 -28.30 -21.42
#